data_6W3A
#
_entry.id   6W3A
#
_cell.length_a   77.114
_cell.length_b   82.387
_cell.length_c   164.027
_cell.angle_alpha   90.000
_cell.angle_beta   90.000
_cell.angle_gamma   90.000
#
_symmetry.space_group_name_H-M   'P 21 21 21'
#
loop_
_entity.id
_entity.type
_entity.pdbx_description
1 polymer 'Serine/threonine-protein kinase/endoribonuclease IRE1'
2 non-polymer ~{N}-[6-methyl-5-[3-[2-[[(3~{S})-piperidin-3-yl]amino]pyrimidin-4-yl]pyridin-2-yl]oxy-naphthalen-1-yl]but-2-ynamide
3 water water
#
_entity_poly.entity_id   1
_entity_poly.type   'polypeptide(L)'
_entity_poly.pdbx_seq_one_letter_code
;GSSPSLEQDDGDEETSVVIVGKISFCPKDVLGHGAEGTIVYRGMFDNRDVAVKRILPECFSFADREVQLLRESDEHPNVI
RYFCTEKDRQFQYIAIELCAATLQEYVEQKDFAHLGLEPITLLQQTTSGLAHLHSLNIVHRDLKPHNILISMPNAHGKIK
AMISDFGLCKKLAVGRHSFSRRSGVPGTEGWIAPEMLSEDCKENPTYTVDIFSAGCVFYYVISEGSHPFGKSLQRQANIL
LGACSLDCLHPEKHEDVIARELIEKMIAMDPQKRPSAKHVLKHPFFWSLEKQLQFFQDVSDRIEKESLDGPIVKQLERGG
RAVVKMDWRENITVPLQTDLRKFRTYKGGSVRDLLRAMRNKKHHYRELPAEVRETLGSLPDDFVCYFTSRFPHLLAHTYR
AMELCSHERLFQPYYFHEPPEPQPPVTPDALGNS
;
_entity_poly.pdbx_strand_id   A,B
#
# COMPACT_ATOMS: atom_id res chain seq x y z
N SER A 16 -43.71 -1.19 -4.70
CA SER A 16 -43.67 -0.51 -3.41
C SER A 16 -42.26 -0.53 -2.83
N VAL A 17 -42.05 0.28 -1.79
CA VAL A 17 -40.76 0.34 -1.08
C VAL A 17 -40.99 0.44 0.42
N VAL A 18 -40.18 -0.32 1.17
CA VAL A 18 -40.23 -0.28 2.62
C VAL A 18 -39.25 0.77 3.14
N ILE A 19 -39.58 1.37 4.28
CA ILE A 19 -38.74 2.39 4.90
C ILE A 19 -38.66 2.16 6.41
N VAL A 20 -37.43 2.05 6.91
CA VAL A 20 -37.19 1.88 8.34
C VAL A 20 -36.17 2.91 8.82
N GLY A 21 -36.42 4.18 8.51
CA GLY A 21 -35.53 5.26 8.89
C GLY A 21 -34.71 5.75 7.73
N LYS A 22 -33.39 5.71 7.88
CA LYS A 22 -32.49 6.13 6.80
C LYS A 22 -32.39 5.04 5.74
N ILE A 23 -32.71 3.81 6.11
CA ILE A 23 -32.66 2.67 5.19
C ILE A 23 -33.97 2.51 4.44
N SER A 24 -33.88 2.10 3.18
CA SER A 24 -35.06 1.87 2.35
C SER A 24 -34.77 0.79 1.32
N PHE A 25 -35.78 0.03 0.94
CA PHE A 25 -35.61 -1.03 -0.04
C PHE A 25 -36.96 -1.50 -0.62
N CYS A 26 -36.92 -2.02 -1.84
CA CYS A 26 -38.10 -2.60 -2.47
C CYS A 26 -38.07 -4.13 -2.29
N PRO A 27 -39.10 -4.70 -1.65
CA PRO A 27 -39.10 -6.15 -1.44
C PRO A 27 -39.08 -6.97 -2.73
N LYS A 28 -39.34 -6.31 -3.87
CA LYS A 28 -39.31 -6.98 -5.16
C LYS A 28 -37.90 -7.45 -5.49
N ASP A 29 -36.92 -6.63 -5.16
CA ASP A 29 -35.51 -6.95 -5.41
C ASP A 29 -34.88 -7.66 -4.21
N VAL A 30 -34.76 -8.98 -4.33
CA VAL A 30 -34.14 -9.81 -3.29
C VAL A 30 -32.79 -10.31 -3.79
N LEU A 31 -31.83 -10.42 -2.86
CA LEU A 31 -30.46 -10.80 -3.22
C LEU A 31 -30.09 -12.18 -2.68
N GLY A 32 -30.79 -12.64 -1.65
CA GLY A 32 -30.54 -13.95 -1.08
C GLY A 32 -31.12 -14.14 0.30
N HIS A 33 -30.67 -15.18 0.99
CA HIS A 33 -31.13 -15.48 2.34
C HIS A 33 -29.97 -15.90 3.22
N GLU A 36 -30.26 -18.96 7.79
CA GLU A 36 -31.30 -18.77 8.79
C GLU A 36 -32.56 -18.21 8.15
N GLY A 37 -33.63 -18.10 8.94
CA GLY A 37 -34.87 -17.53 8.47
C GLY A 37 -34.76 -16.04 8.27
N THR A 38 -34.04 -15.63 7.23
CA THR A 38 -33.82 -14.22 6.94
C THR A 38 -33.84 -13.97 5.44
N ILE A 39 -33.88 -12.68 5.07
CA ILE A 39 -33.86 -12.28 3.66
C ILE A 39 -33.00 -11.03 3.50
N VAL A 40 -32.38 -10.90 2.33
CA VAL A 40 -31.48 -9.78 2.04
C VAL A 40 -31.89 -9.07 0.75
N TYR A 41 -32.22 -7.79 0.87
CA TYR A 41 -32.73 -7.01 -0.25
C TYR A 41 -31.73 -5.97 -0.74
N ARG A 42 -31.89 -5.56 -2.00
CA ARG A 42 -31.16 -4.42 -2.54
C ARG A 42 -31.92 -3.16 -2.16
N GLY A 43 -31.25 -2.25 -1.46
CA GLY A 43 -31.90 -1.04 -0.97
C GLY A 43 -31.03 0.20 -1.05
N MET A 44 -31.37 1.19 -0.23
CA MET A 44 -30.66 2.47 -0.22
C MET A 44 -30.45 2.95 1.21
N PHE A 45 -29.38 3.71 1.41
CA PHE A 45 -29.14 4.37 2.68
C PHE A 45 -28.36 5.65 2.43
N ASP A 46 -28.94 6.78 2.82
CA ASP A 46 -28.32 8.08 2.58
C ASP A 46 -27.94 8.20 1.10
N ASN A 47 -28.87 7.78 0.24
CA ASN A 47 -28.67 7.82 -1.20
C ASN A 47 -27.41 7.07 -1.64
N ARG A 48 -27.05 6.04 -0.89
CA ARG A 48 -26.03 5.09 -1.29
C ARG A 48 -26.69 3.78 -1.69
N ASP A 49 -26.08 3.07 -2.63
CA ASP A 49 -26.51 1.71 -2.94
C ASP A 49 -26.02 0.79 -1.83
N VAL A 50 -26.93 0.02 -1.24
CA VAL A 50 -26.58 -0.87 -0.12
C VAL A 50 -27.41 -2.14 -0.14
N ALA A 51 -26.85 -3.19 0.45
CA ALA A 51 -27.57 -4.44 0.65
C ALA A 51 -28.10 -4.51 2.08
N VAL A 52 -29.41 -4.65 2.22
CA VAL A 52 -30.06 -4.64 3.52
C VAL A 52 -30.48 -6.05 3.92
N LYS A 53 -29.88 -6.56 5.00
CA LYS A 53 -30.28 -7.85 5.57
C LYS A 53 -31.43 -7.63 6.56
N ARG A 54 -32.58 -8.25 6.27
CA ARG A 54 -33.74 -8.16 7.16
C ARG A 54 -33.85 -9.44 8.00
N ILE A 55 -33.91 -9.26 9.31
CA ILE A 55 -33.91 -10.38 10.25
C ILE A 55 -35.12 -10.34 11.18
N LEU A 56 -35.50 -11.51 11.68
CA LEU A 56 -36.67 -11.63 12.54
C LEU A 56 -36.35 -11.21 13.98
N PRO A 57 -37.40 -11.01 14.81
CA PRO A 57 -37.22 -10.64 16.22
C PRO A 57 -36.48 -11.70 17.04
N GLU A 58 -36.40 -12.92 16.51
CA GLU A 58 -35.78 -14.03 17.23
C GLU A 58 -34.26 -14.05 17.04
N CYS A 59 -33.70 -12.95 16.57
CA CYS A 59 -32.26 -12.87 16.32
C CYS A 59 -31.69 -11.48 16.61
N PHE A 60 -32.44 -10.67 17.36
CA PHE A 60 -31.97 -9.34 17.73
C PHE A 60 -30.75 -9.42 18.64
N SER A 61 -30.76 -10.39 19.55
CA SER A 61 -29.62 -10.59 20.45
C SER A 61 -28.39 -11.03 19.66
N PHE A 62 -28.64 -11.67 18.51
CA PHE A 62 -27.57 -12.15 17.64
C PHE A 62 -27.08 -11.05 16.70
N ALA A 63 -27.98 -10.15 16.32
CA ALA A 63 -27.66 -9.09 15.37
C ALA A 63 -26.86 -7.97 16.01
N ASP A 64 -27.23 -7.60 17.23
CA ASP A 64 -26.50 -6.56 17.96
C ASP A 64 -25.04 -6.97 18.10
N ARG A 65 -24.79 -8.27 18.15
CA ARG A 65 -23.45 -8.81 18.22
C ARG A 65 -22.81 -8.80 16.83
N GLU A 66 -23.65 -8.99 15.81
CA GLU A 66 -23.20 -8.94 14.42
C GLU A 66 -22.80 -7.54 14.02
N VAL A 67 -23.66 -6.57 14.34
CA VAL A 67 -23.39 -5.17 14.03
C VAL A 67 -22.16 -4.68 14.80
N GLN A 68 -22.00 -5.16 16.02
CA GLN A 68 -20.87 -4.78 16.87
C GLN A 68 -19.55 -5.09 16.16
N LEU A 69 -19.48 -6.26 15.55
CA LEU A 69 -18.27 -6.70 14.87
C LEU A 69 -17.98 -5.86 13.63
N LEU A 70 -19.05 -5.46 12.95
CA LEU A 70 -18.92 -4.64 11.76
C LEU A 70 -18.40 -3.24 12.10
N ARG A 71 -18.91 -2.65 13.19
CA ARG A 71 -18.51 -1.30 13.58
C ARG A 71 -17.02 -1.21 13.90
N GLU A 72 -16.44 -2.31 14.36
CA GLU A 72 -15.06 -2.31 14.81
C GLU A 72 -14.06 -2.68 13.71
N SER A 73 -14.50 -3.51 12.76
CA SER A 73 -13.58 -4.15 11.82
C SER A 73 -13.71 -3.65 10.37
N ASP A 74 -14.68 -2.80 10.09
CA ASP A 74 -14.95 -2.39 8.72
C ASP A 74 -14.07 -1.23 8.24
N GLU A 75 -13.01 -0.92 9.00
CA GLU A 75 -12.07 0.13 8.60
C GLU A 75 -10.85 -0.49 7.92
N HIS A 76 -11.11 -1.32 6.91
CA HIS A 76 -10.05 -1.94 6.13
C HIS A 76 -10.62 -2.23 4.74
N PRO A 77 -9.86 -1.91 3.68
CA PRO A 77 -10.42 -1.98 2.33
C PRO A 77 -10.92 -3.36 1.91
N ASN A 78 -10.33 -4.42 2.49
CA ASN A 78 -10.73 -5.78 2.18
C ASN A 78 -11.65 -6.40 3.24
N VAL A 79 -12.34 -5.54 3.99
CA VAL A 79 -13.39 -5.98 4.91
C VAL A 79 -14.65 -5.18 4.58
N ILE A 80 -15.78 -5.88 4.46
CA ILE A 80 -17.01 -5.27 3.96
C ILE A 80 -17.37 -4.03 4.79
N ARG A 81 -17.81 -2.99 4.10
CA ARG A 81 -18.09 -1.72 4.75
C ARG A 81 -19.53 -1.67 5.24
N TYR A 82 -19.69 -1.55 6.56
CA TYR A 82 -20.98 -1.44 7.19
C TYR A 82 -21.40 0.03 7.32
N PHE A 83 -22.66 0.32 7.03
CA PHE A 83 -23.16 1.70 7.03
C PHE A 83 -24.06 2.01 8.21
N CYS A 84 -25.11 1.23 8.39
CA CYS A 84 -26.12 1.53 9.40
C CYS A 84 -27.07 0.37 9.69
N THR A 85 -27.62 0.36 10.90
CA THR A 85 -28.66 -0.58 11.27
C THR A 85 -29.89 0.17 11.75
N GLU A 86 -31.06 -0.43 11.56
CA GLU A 86 -32.33 0.19 11.94
C GLU A 86 -33.30 -0.83 12.52
N LYS A 87 -33.64 -0.64 13.79
CA LYS A 87 -34.64 -1.48 14.44
C LYS A 87 -36.03 -0.94 14.13
N ASP A 88 -37.01 -1.84 14.02
CA ASP A 88 -38.39 -1.47 13.72
C ASP A 88 -39.37 -2.16 14.66
N ARG A 89 -40.66 -1.93 14.45
CA ARG A 89 -41.70 -2.54 15.28
C ARG A 89 -41.70 -4.06 15.12
N GLN A 90 -41.15 -4.53 14.00
CA GLN A 90 -41.09 -5.96 13.71
C GLN A 90 -39.64 -6.42 13.52
N PHE A 91 -39.12 -6.26 12.30
CA PHE A 91 -37.80 -6.79 11.95
C PHE A 91 -36.69 -5.76 12.10
N GLN A 92 -35.47 -6.23 12.32
CA GLN A 92 -34.28 -5.38 12.37
C GLN A 92 -33.58 -5.43 11.02
N TYR A 93 -32.85 -4.36 10.70
CA TYR A 93 -32.20 -4.24 9.39
C TYR A 93 -30.73 -3.86 9.52
N ILE A 94 -29.91 -4.32 8.59
CA ILE A 94 -28.48 -4.03 8.56
C ILE A 94 -28.02 -3.66 7.16
N ALA A 95 -27.52 -2.45 6.99
CA ALA A 95 -27.12 -1.95 5.69
C ALA A 95 -25.63 -2.16 5.43
N ILE A 96 -25.33 -2.90 4.36
CA ILE A 96 -23.97 -3.20 3.94
C ILE A 96 -23.74 -2.66 2.53
N GLU A 97 -22.47 -2.43 2.18
CA GLU A 97 -22.11 -1.99 0.84
C GLU A 97 -22.60 -2.97 -0.22
N LEU A 98 -23.31 -2.47 -1.23
CA LEU A 98 -23.80 -3.31 -2.32
C LEU A 98 -22.64 -3.71 -3.23
N CYS A 99 -22.51 -5.01 -3.48
CA CYS A 99 -21.39 -5.55 -4.25
C CYS A 99 -21.85 -6.19 -5.56
N ALA A 100 -20.90 -6.41 -6.45
CA ALA A 100 -21.18 -6.97 -7.76
C ALA A 100 -21.57 -8.44 -7.67
N ALA A 101 -20.81 -9.19 -6.90
CA ALA A 101 -21.01 -10.64 -6.79
C ALA A 101 -20.24 -11.21 -5.61
N THR A 102 -20.70 -12.37 -5.13
CA THR A 102 -19.93 -13.15 -4.17
C THR A 102 -18.85 -13.90 -4.94
N LEU A 103 -17.85 -14.41 -4.24
CA LEU A 103 -16.77 -15.13 -4.91
C LEU A 103 -17.29 -16.41 -5.53
N GLN A 104 -18.36 -16.96 -4.95
CA GLN A 104 -18.95 -18.19 -5.47
C GLN A 104 -19.57 -17.94 -6.84
N GLU A 105 -20.33 -16.87 -6.94
CA GLU A 105 -20.96 -16.49 -8.20
C GLU A 105 -19.89 -16.15 -9.23
N TYR A 106 -18.83 -15.50 -8.77
CA TYR A 106 -17.72 -15.09 -9.64
C TYR A 106 -17.09 -16.29 -10.36
N VAL A 107 -17.15 -17.46 -9.74
CA VAL A 107 -16.52 -18.66 -10.30
C VAL A 107 -17.55 -19.62 -10.89
N GLU A 108 -18.70 -19.73 -10.24
CA GLU A 108 -19.74 -20.65 -10.68
C GLU A 108 -20.71 -19.99 -11.65
N GLN A 109 -20.22 -19.01 -12.41
CA GLN A 109 -21.05 -18.28 -13.36
C GLN A 109 -20.21 -17.29 -14.17
N LEU A 117 -11.08 -10.23 -11.69
CA LEU A 117 -10.25 -9.84 -12.83
C LEU A 117 -8.91 -10.56 -12.81
N GLU A 118 -8.31 -10.66 -11.62
CA GLU A 118 -7.03 -11.34 -11.45
C GLU A 118 -7.07 -12.19 -10.18
N PRO A 119 -6.73 -13.48 -10.30
CA PRO A 119 -7.02 -14.37 -9.17
C PRO A 119 -6.08 -14.18 -7.98
N ILE A 120 -4.77 -14.08 -8.21
CA ILE A 120 -3.82 -13.95 -7.11
C ILE A 120 -4.12 -12.70 -6.28
N THR A 121 -4.59 -11.65 -6.94
CA THR A 121 -4.86 -10.39 -6.25
C THR A 121 -6.08 -10.50 -5.33
N LEU A 122 -7.08 -11.27 -5.75
CA LEU A 122 -8.27 -11.46 -4.90
C LEU A 122 -7.90 -12.21 -3.64
N LEU A 123 -7.02 -13.18 -3.78
CA LEU A 123 -6.59 -14.00 -2.66
C LEU A 123 -5.68 -13.18 -1.74
N GLN A 124 -4.87 -12.33 -2.35
CA GLN A 124 -4.02 -11.42 -1.60
C GLN A 124 -4.91 -10.46 -0.80
N GLN A 125 -5.91 -9.91 -1.48
CA GLN A 125 -6.86 -9.01 -0.84
C GLN A 125 -7.65 -9.72 0.24
N THR A 126 -8.11 -10.93 -0.06
CA THR A 126 -8.88 -11.73 0.88
C THR A 126 -8.03 -12.04 2.11
N THR A 127 -6.80 -12.48 1.86
CA THR A 127 -5.89 -12.84 2.94
C THR A 127 -5.54 -11.59 3.76
N SER A 128 -5.40 -10.45 3.09
CA SER A 128 -5.11 -9.20 3.79
C SER A 128 -6.24 -8.86 4.75
N GLY A 129 -7.47 -8.96 4.26
CA GLY A 129 -8.64 -8.69 5.09
C GLY A 129 -8.69 -9.66 6.25
N LEU A 130 -8.33 -10.90 5.98
CA LEU A 130 -8.34 -11.93 7.02
C LEU A 130 -7.28 -11.63 8.07
N ALA A 131 -6.09 -11.24 7.61
CA ALA A 131 -5.01 -10.88 8.50
C ALA A 131 -5.42 -9.73 9.42
N HIS A 132 -6.26 -8.85 8.88
CA HIS A 132 -6.74 -7.71 9.64
C HIS A 132 -7.63 -8.16 10.79
N LEU A 133 -8.57 -9.06 10.50
CA LEU A 133 -9.48 -9.57 11.52
C LEU A 133 -8.71 -10.29 12.62
N HIS A 134 -7.67 -11.03 12.24
CA HIS A 134 -6.87 -11.78 13.21
C HIS A 134 -6.09 -10.83 14.11
N SER A 135 -5.67 -9.70 13.56
CA SER A 135 -4.89 -8.73 14.32
C SER A 135 -5.77 -8.00 15.33
N LEU A 136 -7.08 -8.06 15.14
CA LEU A 136 -8.03 -7.49 16.09
C LEU A 136 -8.59 -8.59 16.99
N ASN A 137 -7.91 -9.73 17.04
CA ASN A 137 -8.33 -10.87 17.84
C ASN A 137 -9.74 -11.34 17.45
N ILE A 138 -9.99 -11.39 16.15
CA ILE A 138 -11.29 -11.83 15.62
C ILE A 138 -11.08 -12.99 14.66
N VAL A 139 -11.74 -14.10 14.95
CA VAL A 139 -11.71 -15.28 14.09
C VAL A 139 -12.97 -15.30 13.23
N HIS A 140 -12.80 -15.60 11.95
CA HIS A 140 -13.92 -15.62 11.02
C HIS A 140 -14.83 -16.80 11.33
N ARG A 141 -14.22 -17.96 11.56
CA ARG A 141 -14.91 -19.20 11.94
C ARG A 141 -15.77 -19.77 10.81
N ASP A 142 -15.88 -19.07 9.69
CA ASP A 142 -16.69 -19.55 8.58
C ASP A 142 -16.36 -18.81 7.28
N LEU A 143 -15.10 -18.87 6.88
CA LEU A 143 -14.67 -18.26 5.63
C LEU A 143 -14.96 -19.18 4.45
N LYS A 144 -15.67 -18.66 3.45
CA LYS A 144 -15.95 -19.42 2.24
C LYS A 144 -16.41 -18.47 1.12
N PRO A 145 -16.34 -18.92 -0.14
CA PRO A 145 -16.62 -18.05 -1.29
C PRO A 145 -17.97 -17.32 -1.20
N HIS A 146 -18.92 -17.86 -0.45
CA HIS A 146 -20.19 -17.19 -0.27
C HIS A 146 -20.04 -15.90 0.55
N ASN A 147 -19.11 -15.91 1.51
CA ASN A 147 -18.89 -14.77 2.39
C ASN A 147 -17.92 -13.74 1.82
N ILE A 148 -17.20 -14.11 0.77
CA ILE A 148 -16.26 -13.21 0.13
C ILE A 148 -16.95 -12.45 -0.99
N LEU A 149 -17.03 -11.14 -0.83
CA LEU A 149 -17.78 -10.29 -1.75
C LEU A 149 -16.87 -9.53 -2.69
N ILE A 150 -17.33 -9.41 -3.95
CA ILE A 150 -16.58 -8.70 -4.98
C ILE A 150 -17.26 -7.37 -5.27
N SER A 151 -16.55 -6.28 -4.97
CA SER A 151 -17.10 -4.94 -5.08
C SER A 151 -17.52 -4.59 -6.51
N MET A 152 -18.29 -3.53 -6.65
CA MET A 152 -18.51 -2.89 -7.94
C MET A 152 -17.25 -2.15 -8.35
N PRO A 153 -17.05 -1.93 -9.66
CA PRO A 153 -15.92 -1.11 -10.10
C PRO A 153 -16.01 0.32 -9.57
N ASN A 154 -14.88 0.94 -9.25
CA ASN A 154 -14.85 2.17 -8.43
C ASN A 154 -14.48 3.46 -9.17
N ALA A 155 -15.02 3.64 -10.38
CA ALA A 155 -14.74 4.82 -11.21
C ALA A 155 -13.32 4.82 -11.77
N HIS A 156 -12.48 3.90 -11.29
CA HIS A 156 -11.20 3.63 -11.91
C HIS A 156 -11.12 2.18 -12.37
N GLY A 157 -12.26 1.50 -12.33
CA GLY A 157 -12.37 0.15 -12.86
C GLY A 157 -11.79 -0.90 -11.94
N LYS A 158 -11.48 -0.51 -10.71
CA LYS A 158 -10.89 -1.44 -9.75
C LYS A 158 -11.98 -2.18 -8.97
N ILE A 159 -11.89 -3.51 -9.00
CA ILE A 159 -12.73 -4.37 -8.17
C ILE A 159 -11.86 -4.99 -7.09
N LYS A 160 -12.47 -5.31 -5.94
CA LYS A 160 -11.72 -5.92 -4.86
C LYS A 160 -12.58 -6.88 -4.06
N ALA A 161 -11.91 -7.84 -3.42
CA ALA A 161 -12.58 -8.81 -2.57
C ALA A 161 -12.72 -8.26 -1.16
N MET A 162 -13.83 -8.56 -0.51
CA MET A 162 -14.09 -8.07 0.84
C MET A 162 -14.70 -9.17 1.70
N ILE A 163 -14.07 -9.42 2.84
CA ILE A 163 -14.55 -10.41 3.79
C ILE A 163 -15.84 -9.94 4.43
N SER A 164 -16.66 -10.88 4.86
CA SER A 164 -17.89 -10.57 5.58
C SER A 164 -18.35 -11.77 6.40
N ASP A 165 -19.43 -11.58 7.16
CA ASP A 165 -20.06 -12.68 7.89
C ASP A 165 -19.06 -13.36 8.81
N PHE A 166 -18.24 -12.55 9.47
CA PHE A 166 -17.14 -13.06 10.30
C PHE A 166 -17.44 -12.95 11.79
N GLY A 167 -16.96 -13.92 12.55
CA GLY A 167 -17.07 -13.89 14.00
C GLY A 167 -18.45 -14.19 14.52
N LEU A 168 -19.15 -15.11 13.88
CA LEU A 168 -20.50 -15.48 14.26
C LEU A 168 -20.65 -17.01 14.33
N GLY A 187 -28.72 -27.37 3.34
CA GLY A 187 -27.84 -26.93 4.39
C GLY A 187 -26.65 -27.84 4.56
N THR A 188 -25.47 -27.36 4.14
CA THR A 188 -24.24 -28.14 4.22
C THR A 188 -23.05 -27.26 4.62
N GLU A 189 -21.88 -27.88 4.70
CA GLU A 189 -20.65 -27.17 5.05
C GLU A 189 -19.64 -27.29 3.89
N GLY A 190 -18.41 -27.72 4.19
CA GLY A 190 -17.42 -27.98 3.15
C GLY A 190 -16.14 -27.17 3.29
N TRP A 191 -16.17 -26.10 4.09
CA TRP A 191 -15.03 -25.21 4.26
C TRP A 191 -14.64 -25.06 5.72
N ILE A 192 -15.03 -26.03 6.54
CA ILE A 192 -14.75 -25.99 7.97
C ILE A 192 -13.51 -26.81 8.30
N ALA A 193 -12.69 -26.28 9.19
CA ALA A 193 -11.49 -26.98 9.63
C ALA A 193 -11.88 -28.21 10.43
N PRO A 194 -11.07 -29.28 10.36
CA PRO A 194 -11.43 -30.54 11.03
C PRO A 194 -11.47 -30.44 12.56
N GLU A 195 -10.78 -29.46 13.14
CA GLU A 195 -10.75 -29.33 14.60
C GLU A 195 -12.10 -28.87 15.17
N MET A 196 -12.89 -28.18 14.35
CA MET A 196 -14.17 -27.67 14.77
C MET A 196 -15.29 -28.69 14.60
N LEU A 197 -14.91 -29.96 14.47
CA LEU A 197 -15.86 -31.05 14.28
C LEU A 197 -16.75 -30.79 13.06
N GLU A 203 -16.92 -23.69 22.54
CA GLU A 203 -16.19 -23.35 21.33
C GLU A 203 -15.29 -22.14 21.53
N ASN A 204 -14.06 -22.23 21.04
CA ASN A 204 -13.10 -21.13 21.14
C ASN A 204 -11.94 -21.34 20.16
N PRO A 205 -12.22 -21.17 18.86
CA PRO A 205 -11.24 -21.44 17.80
C PRO A 205 -10.11 -20.42 17.74
N THR A 206 -8.93 -20.86 17.31
CA THR A 206 -7.80 -19.97 17.10
C THR A 206 -7.76 -19.52 15.64
N TYR A 207 -6.76 -18.72 15.28
CA TYR A 207 -6.69 -18.15 13.94
CA TYR A 207 -6.68 -18.14 13.94
C TYR A 207 -6.41 -19.20 12.87
N THR A 208 -5.77 -20.30 13.26
CA THR A 208 -5.39 -21.35 12.31
C THR A 208 -6.58 -21.95 11.58
N VAL A 209 -7.76 -21.80 12.16
CA VAL A 209 -8.99 -22.30 11.55
C VAL A 209 -9.24 -21.63 10.20
N ASP A 210 -9.26 -20.30 10.20
CA ASP A 210 -9.53 -19.53 8.98
C ASP A 210 -8.52 -19.83 7.89
N ILE A 211 -7.29 -20.16 8.28
CA ILE A 211 -6.23 -20.45 7.32
C ILE A 211 -6.59 -21.67 6.49
N PHE A 212 -7.11 -22.69 7.16
CA PHE A 212 -7.55 -23.89 6.47
C PHE A 212 -8.61 -23.54 5.45
N SER A 213 -9.60 -22.76 5.89
CA SER A 213 -10.68 -22.33 5.02
C SER A 213 -10.15 -21.55 3.82
N ALA A 214 -9.14 -20.74 4.05
CA ALA A 214 -8.55 -19.93 2.98
C ALA A 214 -7.79 -20.82 2.00
N GLY A 215 -7.12 -21.84 2.53
CA GLY A 215 -6.34 -22.75 1.71
C GLY A 215 -7.22 -23.42 0.66
N CYS A 216 -8.45 -23.73 1.07
CA CYS A 216 -9.42 -24.32 0.17
C CYS A 216 -9.86 -23.29 -0.86
N VAL A 217 -10.15 -22.08 -0.38
CA VAL A 217 -10.53 -20.98 -1.27
C VAL A 217 -9.42 -20.69 -2.28
N PHE A 218 -8.16 -20.81 -1.86
CA PHE A 218 -7.05 -20.59 -2.78
C PHE A 218 -7.13 -21.56 -3.95
N TYR A 219 -7.28 -22.85 -3.64
CA TYR A 219 -7.37 -23.89 -4.66
C TYR A 219 -8.65 -23.75 -5.47
N TYR A 220 -9.66 -23.13 -4.85
CA TYR A 220 -10.97 -22.98 -5.47
C TYR A 220 -10.92 -21.95 -6.59
N VAL A 221 -10.18 -20.87 -6.40
CA VAL A 221 -10.10 -19.80 -7.39
C VAL A 221 -9.14 -20.19 -8.52
N ILE A 222 -8.03 -20.82 -8.19
CA ILE A 222 -7.06 -21.25 -9.19
C ILE A 222 -7.65 -22.35 -10.08
N SER A 223 -8.29 -23.32 -9.45
CA SER A 223 -8.92 -24.42 -10.18
C SER A 223 -10.19 -23.96 -10.89
N GLU A 224 -10.64 -22.76 -10.55
CA GLU A 224 -11.84 -22.18 -11.15
C GLU A 224 -13.08 -23.03 -10.87
N GLY A 225 -13.13 -23.64 -9.68
CA GLY A 225 -14.32 -24.36 -9.25
C GLY A 225 -14.09 -25.55 -8.33
N SER A 226 -12.97 -26.24 -8.50
CA SER A 226 -12.69 -27.44 -7.72
C SER A 226 -12.44 -27.10 -6.25
N HIS A 227 -12.32 -28.14 -5.43
CA HIS A 227 -12.13 -27.99 -4.00
C HIS A 227 -11.18 -29.09 -3.55
N PRO A 228 -10.23 -28.78 -2.64
CA PRO A 228 -9.21 -29.79 -2.31
C PRO A 228 -9.78 -31.11 -1.79
N PHE A 229 -11.00 -31.08 -1.28
CA PHE A 229 -11.61 -32.25 -0.66
C PHE A 229 -12.82 -32.77 -1.42
N GLY A 230 -12.88 -32.45 -2.71
CA GLY A 230 -13.87 -33.05 -3.60
C GLY A 230 -15.10 -32.20 -3.85
N LYS A 231 -16.08 -32.81 -4.50
CA LYS A 231 -17.34 -32.13 -4.82
C LYS A 231 -18.07 -31.64 -3.57
N SER A 232 -19.02 -30.75 -3.79
CA SER A 232 -19.71 -30.03 -2.71
C SER A 232 -20.10 -30.88 -1.50
N LEU A 233 -20.98 -31.85 -1.71
CA LEU A 233 -21.51 -32.66 -0.61
C LEU A 233 -20.45 -33.58 0.01
N GLN A 234 -19.31 -33.68 -0.67
CA GLN A 234 -18.27 -34.66 -0.33
C GLN A 234 -17.18 -34.05 0.56
N ARG A 235 -17.10 -32.72 0.56
CA ARG A 235 -15.98 -32.00 1.14
C ARG A 235 -15.79 -32.25 2.63
N GLN A 236 -16.78 -31.92 3.42
CA GLN A 236 -16.63 -31.94 4.87
C GLN A 236 -16.28 -33.33 5.39
N ALA A 237 -16.86 -34.35 4.78
CA ALA A 237 -16.55 -35.73 5.16
C ALA A 237 -15.09 -36.06 4.83
N ASN A 238 -14.65 -35.66 3.64
CA ASN A 238 -13.26 -35.88 3.24
C ASN A 238 -12.28 -35.08 4.10
N ILE A 239 -12.75 -33.95 4.64
CA ILE A 239 -11.90 -33.14 5.51
C ILE A 239 -11.56 -33.90 6.79
N LEU A 240 -12.59 -34.43 7.46
CA LEU A 240 -12.39 -35.22 8.66
C LEU A 240 -11.46 -36.40 8.40
N LEU A 241 -11.64 -37.05 7.25
CA LEU A 241 -10.82 -38.19 6.89
C LEU A 241 -9.46 -37.77 6.33
N GLY A 242 -9.26 -36.48 6.15
CA GLY A 242 -8.01 -35.97 5.62
C GLY A 242 -7.78 -36.36 4.17
N ALA A 243 -8.87 -36.57 3.44
CA ALA A 243 -8.80 -36.94 2.04
C ALA A 243 -8.77 -35.71 1.14
N CYS A 244 -7.57 -35.22 0.85
CA CYS A 244 -7.42 -34.04 0.01
C CYS A 244 -6.70 -34.38 -1.30
N SER A 245 -6.95 -33.58 -2.33
CA SER A 245 -6.32 -33.79 -3.63
C SER A 245 -6.15 -32.48 -4.39
N LEU A 246 -4.91 -32.19 -4.79
CA LEU A 246 -4.59 -31.00 -5.56
C LEU A 246 -4.29 -31.39 -7.02
N ASP A 247 -5.22 -32.12 -7.62
CA ASP A 247 -5.01 -32.69 -8.94
C ASP A 247 -4.88 -31.63 -10.03
N CYS A 248 -5.59 -30.52 -9.86
CA CYS A 248 -5.61 -29.46 -10.87
C CYS A 248 -4.30 -28.68 -10.92
N LEU A 249 -3.45 -28.90 -9.93
CA LEU A 249 -2.13 -28.27 -9.91
C LEU A 249 -1.07 -29.26 -10.39
N HIS A 250 -0.57 -29.01 -11.59
CA HIS A 250 0.38 -29.91 -12.23
C HIS A 250 1.78 -29.71 -11.65
N PRO A 251 2.62 -30.75 -11.70
CA PRO A 251 3.97 -30.68 -11.13
C PRO A 251 4.98 -30.01 -12.06
N GLU A 252 4.62 -29.88 -13.33
CA GLU A 252 5.51 -29.29 -14.33
C GLU A 252 5.28 -27.78 -14.48
N LYS A 253 4.08 -27.33 -14.18
CA LYS A 253 3.75 -25.91 -14.26
C LYS A 253 4.34 -25.16 -13.07
N HIS A 254 5.11 -24.11 -13.36
CA HIS A 254 5.78 -23.32 -12.33
C HIS A 254 4.81 -22.70 -11.35
N GLU A 255 3.75 -22.07 -11.86
CA GLU A 255 2.79 -21.37 -11.02
C GLU A 255 2.13 -22.34 -10.04
N ASP A 256 2.02 -23.60 -10.46
CA ASP A 256 1.34 -24.61 -9.65
C ASP A 256 2.25 -25.15 -8.56
N VAL A 257 3.52 -25.35 -8.88
CA VAL A 257 4.49 -25.84 -7.90
C VAL A 257 4.56 -24.86 -6.74
N ILE A 258 4.54 -23.57 -7.05
CA ILE A 258 4.52 -22.54 -6.02
C ILE A 258 3.23 -22.60 -5.21
N ALA A 259 2.10 -22.62 -5.91
CA ALA A 259 0.80 -22.58 -5.25
C ALA A 259 0.61 -23.73 -4.26
N ARG A 260 0.82 -24.96 -4.73
CA ARG A 260 0.55 -26.12 -3.87
C ARG A 260 1.52 -26.18 -2.71
N GLU A 261 2.71 -25.62 -2.87
CA GLU A 261 3.67 -25.53 -1.76
C GLU A 261 3.03 -24.71 -0.65
N LEU A 262 2.28 -23.69 -1.04
CA LEU A 262 1.60 -22.82 -0.08
C LEU A 262 0.34 -23.47 0.45
N ILE A 263 -0.51 -23.94 -0.47
CA ILE A 263 -1.81 -24.48 -0.10
C ILE A 263 -1.67 -25.72 0.78
N GLU A 264 -0.81 -26.65 0.40
CA GLU A 264 -0.60 -27.88 1.17
C GLU A 264 -0.35 -27.56 2.64
N LYS A 265 0.41 -26.50 2.89
CA LYS A 265 0.69 -26.07 4.26
C LYS A 265 -0.54 -25.44 4.89
N MET A 266 -1.31 -24.72 4.08
CA MET A 266 -2.49 -24.00 4.57
C MET A 266 -3.61 -24.96 4.98
N ILE A 267 -3.71 -26.10 4.28
CA ILE A 267 -4.75 -27.08 4.57
C ILE A 267 -4.23 -28.28 5.35
N ALA A 268 -3.17 -28.08 6.12
CA ALA A 268 -2.61 -29.14 6.95
C ALA A 268 -3.63 -29.61 7.98
N MET A 269 -3.59 -30.90 8.31
CA MET A 269 -4.51 -31.47 9.29
C MET A 269 -4.08 -31.11 10.71
N ASP A 270 -2.81 -30.75 10.87
CA ASP A 270 -2.30 -30.30 12.16
C ASP A 270 -2.24 -28.77 12.17
N PRO A 271 -3.12 -28.12 12.95
CA PRO A 271 -3.23 -26.65 12.92
C PRO A 271 -1.93 -25.92 13.21
N GLN A 272 -1.02 -26.55 13.95
CA GLN A 272 0.23 -25.93 14.34
C GLN A 272 1.16 -25.77 13.13
N LYS A 273 0.85 -26.47 12.04
CA LYS A 273 1.69 -26.44 10.85
C LYS A 273 1.22 -25.41 9.82
N ARG A 274 0.04 -24.83 10.03
CA ARG A 274 -0.50 -23.84 9.10
C ARG A 274 0.12 -22.47 9.35
N PRO A 275 0.40 -21.71 8.28
CA PRO A 275 0.98 -20.38 8.49
C PRO A 275 -0.08 -19.34 8.81
N SER A 276 0.29 -18.30 9.55
CA SER A 276 -0.61 -17.20 9.83
C SER A 276 -0.91 -16.41 8.56
N ALA A 277 -1.94 -15.57 8.60
CA ALA A 277 -2.33 -14.80 7.42
C ALA A 277 -1.18 -13.93 6.93
N LYS A 278 -0.48 -13.28 7.87
CA LYS A 278 0.65 -12.44 7.52
C LYS A 278 1.76 -13.28 6.89
N HIS A 279 1.90 -14.51 7.36
CA HIS A 279 2.89 -15.43 6.81
C HIS A 279 2.55 -15.77 5.37
N VAL A 280 1.28 -16.10 5.13
CA VAL A 280 0.81 -16.45 3.79
C VAL A 280 1.13 -15.36 2.79
N LEU A 281 0.90 -14.11 3.17
CA LEU A 281 1.04 -12.98 2.26
C LEU A 281 2.46 -12.83 1.73
N LYS A 282 3.44 -13.31 2.49
CA LYS A 282 4.83 -13.16 2.09
C LYS A 282 5.31 -14.30 1.19
N HIS A 283 4.47 -15.32 1.02
CA HIS A 283 4.85 -16.49 0.22
C HIS A 283 5.07 -16.09 -1.25
N PRO A 284 6.00 -16.77 -1.94
CA PRO A 284 6.28 -16.46 -3.35
C PRO A 284 5.05 -16.49 -4.26
N PHE A 285 4.00 -17.16 -3.80
CA PHE A 285 2.74 -17.26 -4.54
C PHE A 285 2.20 -15.87 -4.89
N PHE A 286 2.52 -14.88 -4.05
CA PHE A 286 2.02 -13.53 -4.23
C PHE A 286 3.05 -12.58 -4.83
N TRP A 287 4.27 -13.06 -5.01
CA TRP A 287 5.35 -12.22 -5.55
C TRP A 287 5.11 -11.84 -7.01
N SER A 288 5.46 -10.62 -7.36
CA SER A 288 5.45 -10.18 -8.75
C SER A 288 6.70 -10.71 -9.45
N LEU A 289 6.69 -10.72 -10.77
CA LEU A 289 7.81 -11.25 -11.54
C LEU A 289 9.08 -10.45 -11.30
N GLU A 290 8.94 -9.17 -11.03
CA GLU A 290 10.10 -8.33 -10.70
C GLU A 290 10.70 -8.78 -9.37
N LYS A 291 9.83 -9.09 -8.41
CA LYS A 291 10.29 -9.50 -7.09
C LYS A 291 10.95 -10.87 -7.16
N GLN A 292 10.38 -11.77 -7.97
CA GLN A 292 10.96 -13.10 -8.18
C GLN A 292 12.37 -12.97 -8.72
N LEU A 293 12.52 -12.15 -9.77
CA LEU A 293 13.81 -11.94 -10.40
C LEU A 293 14.78 -11.26 -9.43
N GLN A 294 14.25 -10.34 -8.63
CA GLN A 294 15.07 -9.65 -7.64
C GLN A 294 15.49 -10.61 -6.55
N PHE A 295 14.67 -11.64 -6.32
CA PHE A 295 15.00 -12.66 -5.33
C PHE A 295 16.10 -13.57 -5.86
N PHE A 296 16.08 -13.82 -7.17
CA PHE A 296 17.11 -14.64 -7.81
C PHE A 296 18.43 -13.88 -7.94
N GLN A 297 18.36 -12.56 -7.89
CA GLN A 297 19.56 -11.74 -7.99
C GLN A 297 20.25 -11.61 -6.64
N ASP A 298 19.48 -11.30 -5.61
CA ASP A 298 20.03 -11.14 -4.27
C ASP A 298 20.65 -12.44 -3.77
N VAL A 299 20.04 -13.56 -4.12
CA VAL A 299 20.55 -14.87 -3.70
C VAL A 299 21.86 -15.16 -4.43
N SER A 300 21.94 -14.73 -5.68
CA SER A 300 23.14 -14.96 -6.49
C SER A 300 24.32 -14.14 -5.98
N ASP A 301 24.01 -13.12 -5.17
CA ASP A 301 25.05 -12.28 -4.57
C ASP A 301 25.58 -12.91 -3.29
N ARG A 302 24.66 -13.48 -2.51
CA ARG A 302 25.03 -14.12 -1.24
C ARG A 302 25.87 -15.37 -1.48
N ILE A 303 25.60 -16.07 -2.57
CA ILE A 303 26.32 -17.29 -2.90
C ILE A 303 27.67 -17.03 -3.55
N GLU A 304 27.87 -15.82 -4.06
CA GLU A 304 29.08 -15.51 -4.82
C GLU A 304 30.33 -15.61 -3.96
N LYS A 305 30.19 -15.32 -2.67
CA LYS A 305 31.30 -15.38 -1.73
C LYS A 305 31.23 -16.64 -0.86
N GLU A 306 30.19 -17.45 -1.06
CA GLU A 306 30.01 -18.67 -0.28
C GLU A 306 30.77 -19.84 -0.90
N SER A 307 31.37 -20.66 -0.04
CA SER A 307 32.07 -21.86 -0.49
C SER A 307 31.10 -23.02 -0.61
N LEU A 308 31.47 -24.02 -1.41
CA LEU A 308 30.63 -25.19 -1.62
C LEU A 308 30.54 -26.03 -0.35
N ASP A 309 31.44 -25.78 0.59
CA ASP A 309 31.47 -26.52 1.85
C ASP A 309 30.50 -25.92 2.86
N GLY A 310 30.01 -24.72 2.58
CA GLY A 310 29.08 -24.05 3.47
C GLY A 310 27.72 -24.74 3.51
N PRO A 311 26.93 -24.47 4.54
CA PRO A 311 25.60 -25.10 4.67
C PRO A 311 24.60 -24.55 3.66
N ILE A 312 24.89 -23.41 3.06
CA ILE A 312 24.00 -22.79 2.09
C ILE A 312 24.02 -23.58 0.78
N VAL A 313 25.20 -23.70 0.18
CA VAL A 313 25.34 -24.42 -1.08
C VAL A 313 24.97 -25.88 -0.89
N LYS A 314 25.19 -26.40 0.31
CA LYS A 314 24.84 -27.78 0.62
C LYS A 314 23.34 -28.00 0.45
N GLN A 315 22.54 -27.08 0.97
CA GLN A 315 21.08 -27.16 0.87
C GLN A 315 20.61 -26.75 -0.52
N LEU A 316 21.35 -25.86 -1.15
CA LEU A 316 20.98 -25.34 -2.47
C LEU A 316 21.21 -26.39 -3.56
N GLU A 317 22.23 -27.22 -3.38
CA GLU A 317 22.55 -28.27 -4.33
C GLU A 317 21.91 -29.59 -3.95
N ARG A 318 21.33 -29.64 -2.75
CA ARG A 318 20.58 -30.82 -2.31
C ARG A 318 19.40 -31.05 -3.24
N GLY A 319 19.49 -32.11 -4.05
CA GLY A 319 18.44 -32.41 -5.01
C GLY A 319 18.43 -31.40 -6.13
N GLY A 320 19.57 -30.74 -6.34
CA GLY A 320 19.70 -29.73 -7.37
C GLY A 320 19.68 -30.32 -8.77
N ARG A 321 20.08 -31.59 -8.89
CA ARG A 321 20.15 -32.25 -10.19
C ARG A 321 18.79 -32.30 -10.86
N ALA A 322 17.74 -32.38 -10.06
CA ALA A 322 16.37 -32.43 -10.58
C ALA A 322 15.87 -31.04 -10.96
N VAL A 323 16.32 -30.04 -10.22
CA VAL A 323 15.91 -28.66 -10.45
C VAL A 323 16.47 -28.13 -11.77
N VAL A 324 17.70 -28.53 -12.09
CA VAL A 324 18.37 -28.08 -13.29
C VAL A 324 18.06 -28.97 -14.49
N LYS A 325 17.18 -29.96 -14.28
CA LYS A 325 16.84 -30.92 -15.32
C LYS A 325 18.07 -31.70 -15.76
N MET A 326 18.76 -32.30 -14.79
CA MET A 326 19.98 -33.06 -15.04
C MET A 326 21.11 -32.14 -15.47
N ASP A 327 20.91 -31.43 -16.58
CA ASP A 327 21.88 -30.46 -17.08
C ASP A 327 21.13 -29.27 -17.68
N TRP A 328 21.14 -28.14 -17.00
CA TRP A 328 20.34 -26.99 -17.42
C TRP A 328 20.85 -26.38 -18.72
N ARG A 329 22.01 -26.83 -19.18
CA ARG A 329 22.56 -26.37 -20.45
C ARG A 329 21.82 -26.99 -21.63
N GLU A 330 21.26 -28.19 -21.41
CA GLU A 330 20.55 -28.90 -22.46
C GLU A 330 19.10 -28.43 -22.60
N ASN A 331 18.71 -27.45 -21.78
CA ASN A 331 17.36 -26.91 -21.81
C ASN A 331 17.36 -25.39 -21.92
N ILE A 332 17.99 -24.88 -22.98
CA ILE A 332 18.09 -23.44 -23.23
C ILE A 332 17.65 -23.11 -24.65
N VAL A 334 19.15 -21.68 -27.55
CA VAL A 334 20.37 -21.88 -28.34
C VAL A 334 21.29 -20.67 -28.29
N PRO A 335 20.75 -19.46 -28.56
CA PRO A 335 21.57 -18.26 -28.48
C PRO A 335 22.15 -18.04 -27.09
N LEU A 336 21.37 -18.39 -26.07
CA LEU A 336 21.80 -18.21 -24.68
C LEU A 336 22.80 -19.29 -24.26
N GLN A 337 22.98 -20.30 -25.12
CA GLN A 337 23.90 -21.39 -24.82
C GLN A 337 25.35 -20.90 -24.75
N THR A 338 25.66 -19.89 -25.55
CA THR A 338 27.00 -19.32 -25.58
C THR A 338 27.30 -18.55 -24.30
N ASP A 339 27.70 -19.26 -23.25
CA ASP A 339 28.00 -18.65 -21.96
C ASP A 339 29.47 -18.27 -21.86
N LEU A 340 30.34 -19.20 -22.23
CA LEU A 340 31.79 -18.99 -22.19
C LEU A 340 32.27 -18.70 -20.78
N LYS A 347 29.68 -25.51 -13.40
CA LYS A 347 29.14 -26.75 -13.94
C LYS A 347 27.71 -26.56 -14.42
N GLY A 348 27.21 -27.53 -15.18
CA GLY A 348 25.87 -27.49 -15.72
C GLY A 348 24.87 -28.24 -14.87
N GLY A 349 25.34 -28.81 -13.77
CA GLY A 349 24.50 -29.52 -12.82
C GLY A 349 24.34 -28.77 -11.52
N SER A 350 25.02 -27.62 -11.43
CA SER A 350 24.98 -26.80 -10.23
C SER A 350 23.86 -25.78 -10.30
N VAL A 351 22.98 -25.80 -9.29
CA VAL A 351 21.92 -24.81 -9.18
C VAL A 351 22.55 -23.42 -9.10
N ARG A 352 23.64 -23.34 -8.35
CA ARG A 352 24.34 -22.08 -8.12
C ARG A 352 24.74 -21.41 -9.43
N ASP A 353 25.27 -22.20 -10.36
CA ASP A 353 25.74 -21.68 -11.63
C ASP A 353 24.59 -21.11 -12.46
N LEU A 354 23.43 -21.76 -12.38
CA LEU A 354 22.25 -21.27 -13.08
C LEU A 354 21.84 -19.91 -12.52
N LEU A 355 21.96 -19.74 -11.20
CA LEU A 355 21.63 -18.49 -10.55
C LEU A 355 22.69 -17.43 -10.84
N ARG A 356 23.93 -17.87 -11.02
CA ARG A 356 25.00 -16.97 -11.39
C ARG A 356 24.84 -16.50 -12.83
N ALA A 357 24.24 -17.35 -13.66
CA ALA A 357 24.06 -17.05 -15.07
C ALA A 357 23.09 -15.91 -15.28
N MET A 358 21.90 -16.04 -14.69
CA MET A 358 20.84 -15.06 -14.87
C MET A 358 21.23 -13.69 -14.33
N ARG A 359 22.01 -13.66 -13.24
CA ARG A 359 22.49 -12.39 -12.71
C ARG A 359 23.35 -11.68 -13.73
N ASN A 360 24.34 -12.41 -14.26
CA ASN A 360 25.28 -11.84 -15.22
C ASN A 360 24.59 -11.31 -16.47
N LYS A 361 23.66 -12.10 -17.02
CA LYS A 361 22.97 -11.72 -18.24
C LYS A 361 21.96 -10.61 -17.99
N LYS A 362 21.55 -10.45 -16.74
CA LYS A 362 20.69 -9.33 -16.35
C LYS A 362 21.50 -8.07 -16.12
N HIS A 363 22.59 -8.21 -15.38
CA HIS A 363 23.47 -7.09 -15.07
C HIS A 363 24.11 -6.53 -16.33
N HIS A 364 24.28 -7.40 -17.33
CA HIS A 364 24.91 -7.02 -18.59
C HIS A 364 23.90 -7.04 -19.74
N TYR A 365 22.61 -7.05 -19.41
CA TYR A 365 21.56 -7.17 -20.42
C TYR A 365 21.65 -6.05 -21.46
N ARG A 366 22.06 -4.86 -21.02
CA ARG A 366 22.23 -3.73 -21.94
C ARG A 366 23.35 -4.02 -22.94
N GLU A 367 24.51 -4.41 -22.42
CA GLU A 367 25.66 -4.73 -23.24
C GLU A 367 25.64 -6.21 -23.63
N LEU A 368 24.54 -6.63 -24.25
CA LEU A 368 24.37 -8.03 -24.68
C LEU A 368 23.91 -8.07 -26.13
N PRO A 369 24.24 -9.17 -26.85
CA PRO A 369 23.84 -9.26 -28.27
C PRO A 369 22.33 -9.26 -28.46
N ALA A 370 21.87 -8.71 -29.58
CA ALA A 370 20.44 -8.68 -29.89
C ALA A 370 19.90 -10.09 -30.09
N GLU A 371 20.77 -11.02 -30.45
CA GLU A 371 20.38 -12.42 -30.61
C GLU A 371 20.09 -13.06 -29.26
N VAL A 372 20.90 -12.70 -28.27
CA VAL A 372 20.72 -13.21 -26.91
C VAL A 372 19.53 -12.52 -26.25
N ARG A 373 19.42 -11.21 -26.46
CA ARG A 373 18.32 -10.43 -25.92
C ARG A 373 16.98 -10.91 -26.50
N GLU A 374 17.04 -11.47 -27.70
CA GLU A 374 15.84 -11.97 -28.36
C GLU A 374 15.28 -13.19 -27.64
N THR A 375 16.10 -14.22 -27.49
CA THR A 375 15.68 -15.46 -26.87
C THR A 375 15.34 -15.27 -25.39
N LEU A 376 16.02 -14.31 -24.75
CA LEU A 376 15.73 -13.97 -23.36
C LEU A 376 14.47 -13.12 -23.25
N SER A 378 12.19 -9.82 -23.06
CA SER A 378 12.18 -8.48 -22.48
C SER A 378 13.08 -8.41 -21.26
N LEU A 379 13.14 -7.24 -20.64
CA LEU A 379 14.04 -6.99 -19.53
C LEU A 379 13.55 -7.57 -18.20
N PRO A 380 12.32 -7.20 -17.79
CA PRO A 380 11.85 -7.54 -16.44
C PRO A 380 11.15 -8.89 -16.36
N ASP A 381 9.96 -8.98 -16.96
CA ASP A 381 9.09 -10.12 -16.79
C ASP A 381 9.49 -11.30 -17.68
N ASP A 382 9.72 -11.03 -18.96
CA ASP A 382 10.01 -12.09 -19.91
C ASP A 382 11.37 -12.74 -19.62
N PHE A 383 12.25 -12.00 -18.97
CA PHE A 383 13.57 -12.51 -18.65
C PHE A 383 13.48 -13.64 -17.62
N VAL A 384 12.78 -13.39 -16.53
CA VAL A 384 12.67 -14.38 -15.46
C VAL A 384 11.78 -15.54 -15.90
N CYS A 385 10.83 -15.26 -16.77
CA CYS A 385 9.95 -16.30 -17.31
C CYS A 385 10.73 -17.29 -18.17
N TYR A 386 11.90 -16.88 -18.63
CA TYR A 386 12.77 -17.77 -19.40
C TYR A 386 13.24 -18.93 -18.54
N PHE A 387 13.55 -18.63 -17.28
CA PHE A 387 14.11 -19.62 -16.36
C PHE A 387 13.03 -20.40 -15.62
N THR A 388 12.04 -19.69 -15.08
CA THR A 388 10.98 -20.32 -14.29
C THR A 388 10.18 -21.31 -15.15
N SER A 389 9.94 -20.95 -16.40
CA SER A 389 9.17 -21.79 -17.30
C SER A 389 9.94 -23.06 -17.66
N ARG A 390 11.24 -22.91 -17.86
CA ARG A 390 12.10 -24.03 -18.24
C ARG A 390 12.61 -24.82 -17.02
N PHE A 391 12.46 -24.23 -15.84
CA PHE A 391 12.89 -24.86 -14.59
C PHE A 391 11.88 -24.58 -13.47
N PRO A 392 10.70 -25.22 -13.55
CA PRO A 392 9.55 -24.91 -12.70
C PRO A 392 9.77 -25.12 -11.20
N HIS A 393 10.83 -25.82 -10.84
CA HIS A 393 11.13 -26.07 -9.43
C HIS A 393 12.22 -25.15 -8.90
N LEU A 394 12.69 -24.24 -9.74
CA LEU A 394 13.82 -23.38 -9.37
C LEU A 394 13.48 -22.45 -8.21
N LEU A 395 12.40 -21.68 -8.36
CA LEU A 395 12.03 -20.71 -7.32
C LEU A 395 11.60 -21.41 -6.04
N ALA A 396 10.72 -22.40 -6.16
CA ALA A 396 10.22 -23.13 -5.01
C ALA A 396 11.35 -23.78 -4.23
N HIS A 397 12.38 -24.24 -4.95
CA HIS A 397 13.54 -24.87 -4.33
C HIS A 397 14.49 -23.83 -3.73
N THR A 398 14.78 -22.80 -4.51
CA THR A 398 15.67 -21.72 -4.07
C THR A 398 15.10 -21.04 -2.84
N TYR A 399 13.78 -20.90 -2.80
CA TYR A 399 13.12 -20.20 -1.69
C TYR A 399 13.20 -21.01 -0.40
N ARG A 400 12.99 -22.32 -0.50
CA ARG A 400 12.97 -23.17 0.69
C ARG A 400 14.37 -23.43 1.21
N ALA A 401 15.35 -23.35 0.31
CA ALA A 401 16.75 -23.61 0.68
C ALA A 401 17.37 -22.38 1.33
N MET A 402 17.00 -21.20 0.85
CA MET A 402 17.59 -19.96 1.32
C MET A 402 16.97 -19.47 2.63
N GLU A 403 16.09 -20.29 3.21
CA GLU A 403 15.41 -19.91 4.44
C GLU A 403 16.39 -19.81 5.61
N LEU A 404 17.61 -20.32 5.41
CA LEU A 404 18.67 -20.18 6.40
C LEU A 404 19.06 -18.72 6.60
N CYS A 405 18.76 -17.90 5.60
CA CYS A 405 19.08 -16.47 5.66
C CYS A 405 17.83 -15.64 5.95
N SER A 406 16.79 -16.29 6.46
CA SER A 406 15.49 -15.64 6.67
C SER A 406 15.56 -14.49 7.68
N HIS A 407 16.58 -14.52 8.54
CA HIS A 407 16.73 -13.50 9.57
C HIS A 407 17.63 -12.36 9.12
N GLU A 408 18.42 -12.60 8.07
CA GLU A 408 19.27 -11.55 7.52
C GLU A 408 18.44 -10.46 6.88
N ARG A 409 18.85 -9.21 7.11
CA ARG A 409 18.11 -8.04 6.65
C ARG A 409 17.80 -8.08 5.16
N LEU A 410 18.71 -8.66 4.38
CA LEU A 410 18.57 -8.68 2.93
C LEU A 410 17.39 -9.55 2.49
N PHE A 411 16.94 -10.45 3.36
CA PHE A 411 15.88 -11.41 3.02
C PHE A 411 14.63 -11.24 3.87
N GLN A 412 14.66 -10.31 4.82
CA GLN A 412 13.50 -10.06 5.67
C GLN A 412 12.24 -9.73 4.86
N PRO A 413 12.37 -8.97 3.76
CA PRO A 413 11.15 -8.74 2.97
C PRO A 413 10.64 -9.98 2.24
N TYR A 414 11.46 -11.03 2.16
CA TYR A 414 11.06 -12.26 1.45
C TYR A 414 10.44 -13.29 2.39
N TYR A 415 10.86 -13.29 3.66
CA TYR A 415 10.40 -14.27 4.64
C TYR A 415 9.62 -13.61 5.77
N PHE A 416 8.99 -14.43 6.61
CA PHE A 416 8.10 -13.93 7.65
C PHE A 416 8.55 -14.32 9.05
N HIS A 417 8.72 -13.31 9.90
CA HIS A 417 8.87 -13.51 11.34
C HIS A 417 8.88 -12.17 12.06
N GLU A 418 8.08 -12.06 13.12
CA GLU A 418 7.99 -10.82 13.89
C GLU A 418 9.27 -10.60 14.70
N SER B 16 -30.40 18.46 27.20
CA SER B 16 -29.25 17.68 27.64
C SER B 16 -28.54 17.02 26.46
N VAL B 17 -29.30 16.34 25.62
CA VAL B 17 -28.77 15.66 24.44
C VAL B 17 -29.75 15.78 23.28
N VAL B 18 -29.37 16.54 22.26
CA VAL B 18 -30.22 16.74 21.09
C VAL B 18 -30.13 15.55 20.13
N ILE B 19 -31.25 14.86 19.96
CA ILE B 19 -31.33 13.69 19.08
C ILE B 19 -32.09 14.05 17.80
N VAL B 20 -31.40 13.92 16.67
CA VAL B 20 -31.99 14.18 15.35
C VAL B 20 -31.88 12.93 14.49
N GLY B 21 -32.93 12.11 14.52
CA GLY B 21 -32.93 10.86 13.80
C GLY B 21 -31.91 9.89 14.34
N LYS B 22 -30.88 9.61 13.54
CA LYS B 22 -29.83 8.68 13.93
C LYS B 22 -28.65 9.38 14.60
N ILE B 23 -28.52 10.69 14.35
CA ILE B 23 -27.43 11.47 14.93
C ILE B 23 -27.84 12.04 16.28
N SER B 24 -26.91 12.03 17.22
CA SER B 24 -27.16 12.56 18.57
C SER B 24 -25.90 13.19 19.14
N PHE B 25 -26.06 14.26 19.91
CA PHE B 25 -24.92 14.99 20.45
C PHE B 25 -25.31 15.88 21.62
N CYS B 26 -24.36 16.10 22.53
CA CYS B 26 -24.54 17.02 23.64
C CYS B 26 -24.03 18.40 23.24
N PRO B 27 -24.93 19.41 23.17
CA PRO B 27 -24.52 20.76 22.74
C PRO B 27 -23.42 21.39 23.59
N LYS B 28 -23.15 20.81 24.76
CA LYS B 28 -22.09 21.32 25.62
C LYS B 28 -20.72 21.15 24.96
N ASP B 29 -20.56 20.08 24.20
CA ASP B 29 -19.29 19.75 23.56
C ASP B 29 -19.14 20.37 22.18
N VAL B 30 -18.74 21.63 22.14
CA VAL B 30 -18.48 22.32 20.88
C VAL B 30 -17.02 22.10 20.45
N LEU B 31 -16.86 21.57 19.25
CA LEU B 31 -15.52 21.24 18.74
C LEU B 31 -14.94 22.37 17.89
N GLY B 32 -15.82 23.19 17.31
CA GLY B 32 -15.37 24.28 16.47
C GLY B 32 -16.52 25.12 15.92
N HIS B 33 -16.21 26.39 15.64
CA HIS B 33 -17.21 27.32 15.09
C HIS B 33 -16.98 27.52 13.60
N GLY B 37 -22.79 30.55 9.61
CA GLY B 37 -22.44 30.38 11.00
C GLY B 37 -22.68 28.95 11.48
N THR B 38 -21.83 28.04 11.03
CA THR B 38 -21.95 26.62 11.38
C THR B 38 -21.21 26.28 12.67
N ILE B 39 -21.79 25.37 13.44
CA ILE B 39 -21.18 24.90 14.69
C ILE B 39 -20.97 23.40 14.63
N VAL B 40 -19.81 22.93 15.10
CA VAL B 40 -19.45 21.52 15.04
C VAL B 40 -19.40 20.90 16.43
N TYR B 41 -20.25 19.89 16.65
CA TYR B 41 -20.34 19.23 17.95
C TYR B 41 -19.73 17.83 17.93
N ARG B 42 -19.35 17.34 19.09
CA ARG B 42 -19.00 15.93 19.27
C ARG B 42 -20.28 15.15 19.54
N GLY B 43 -20.59 14.21 18.65
CA GLY B 43 -21.84 13.48 18.72
C GLY B 43 -21.71 11.98 18.53
N MET B 44 -22.81 11.34 18.14
CA MET B 44 -22.86 9.91 17.96
C MET B 44 -23.76 9.52 16.78
N PHE B 45 -23.35 8.50 16.03
CA PHE B 45 -24.18 7.91 14.99
C PHE B 45 -23.96 6.42 14.94
N ASP B 46 -25.05 5.65 15.03
CA ASP B 46 -24.97 4.19 15.00
C ASP B 46 -23.94 3.70 16.01
N ASN B 47 -23.91 4.32 17.18
CA ASN B 47 -22.98 3.99 18.25
C ASN B 47 -21.52 4.21 17.85
N ARG B 48 -21.30 5.00 16.81
CA ARG B 48 -19.96 5.42 16.42
C ARG B 48 -19.68 6.82 16.95
N ASP B 49 -18.47 7.06 17.43
CA ASP B 49 -18.05 8.42 17.75
C ASP B 49 -17.93 9.21 16.45
N VAL B 50 -18.54 10.38 16.41
CA VAL B 50 -18.53 11.21 15.21
C VAL B 50 -18.44 12.68 15.54
N ALA B 51 -18.11 13.48 14.54
CA ALA B 51 -18.19 14.93 14.63
C ALA B 51 -19.39 15.39 13.81
N VAL B 52 -20.19 16.27 14.40
CA VAL B 52 -21.46 16.67 13.79
C VAL B 52 -21.48 18.15 13.45
N LYS B 53 -21.55 18.44 12.15
CA LYS B 53 -21.60 19.82 11.66
C LYS B 53 -23.05 20.25 11.47
N ARG B 54 -23.44 21.31 12.17
CA ARG B 54 -24.82 21.79 12.11
C ARG B 54 -24.95 22.97 11.15
N ILE B 55 -25.35 22.67 9.91
CA ILE B 55 -25.53 23.70 8.89
C ILE B 55 -26.91 24.32 9.01
N LEU B 56 -26.98 25.64 8.87
CA LEU B 56 -28.24 26.37 9.06
C LEU B 56 -29.10 26.39 7.79
N PRO B 57 -30.41 26.71 7.93
CA PRO B 57 -31.37 26.72 6.82
C PRO B 57 -30.92 27.56 5.63
N GLU B 58 -30.06 28.54 5.87
CA GLU B 58 -29.58 29.41 4.80
C GLU B 58 -28.50 28.74 3.96
N CYS B 59 -28.21 27.47 4.27
CA CYS B 59 -27.14 26.75 3.59
C CYS B 59 -27.53 25.30 3.27
N PHE B 60 -28.82 25.02 3.23
CA PHE B 60 -29.29 23.67 2.88
C PHE B 60 -28.94 23.35 1.43
N SER B 61 -28.82 24.39 0.61
CA SER B 61 -28.46 24.21 -0.80
C SER B 61 -26.99 23.82 -0.94
N PHE B 62 -26.16 24.38 -0.05
CA PHE B 62 -24.72 24.10 -0.06
C PHE B 62 -24.41 22.76 0.58
N ALA B 63 -25.17 22.39 1.59
CA ALA B 63 -24.97 21.13 2.30
C ALA B 63 -25.24 19.94 1.38
N ASP B 64 -26.31 20.03 0.59
CA ASP B 64 -26.65 18.98 -0.36
C ASP B 64 -25.51 18.76 -1.36
N ARG B 65 -24.75 19.81 -1.63
CA ARG B 65 -23.57 19.72 -2.47
C ARG B 65 -22.40 19.13 -1.69
N GLU B 66 -22.31 19.52 -0.42
CA GLU B 66 -21.22 19.05 0.45
C GLU B 66 -21.31 17.54 0.64
N VAL B 67 -22.49 17.07 1.02
CA VAL B 67 -22.72 15.64 1.22
C VAL B 67 -22.49 14.86 -0.07
N GLN B 68 -22.95 15.43 -1.18
CA GLN B 68 -22.83 14.77 -2.49
C GLN B 68 -21.37 14.43 -2.78
N LEU B 69 -20.49 15.36 -2.45
CA LEU B 69 -19.06 15.18 -2.66
C LEU B 69 -18.51 14.14 -1.68
N LEU B 70 -18.96 14.22 -0.43
CA LEU B 70 -18.50 13.29 0.59
C LEU B 70 -18.86 11.85 0.26
N ARG B 71 -20.00 11.64 -0.41
CA ARG B 71 -20.43 10.30 -0.78
C ARG B 71 -19.60 9.72 -1.91
N GLU B 72 -19.44 10.49 -2.98
CA GLU B 72 -18.70 10.04 -4.16
C GLU B 72 -17.20 9.93 -3.89
N SER B 73 -16.74 10.64 -2.86
CA SER B 73 -15.32 10.70 -2.53
C SER B 73 -15.07 10.19 -1.11
N ASP B 74 -15.52 8.97 -0.84
CA ASP B 74 -15.47 8.43 0.52
C ASP B 74 -14.50 7.24 0.61
N GLU B 75 -14.37 6.50 -0.49
CA GLU B 75 -13.60 5.27 -0.49
C GLU B 75 -12.10 5.53 -0.67
N HIS B 76 -11.47 6.09 0.36
CA HIS B 76 -10.02 6.25 0.38
C HIS B 76 -9.56 6.48 1.82
N PRO B 77 -8.51 5.78 2.25
CA PRO B 77 -8.10 5.85 3.67
C PRO B 77 -7.62 7.23 4.10
N ASN B 78 -7.20 8.05 3.14
CA ASN B 78 -6.67 9.39 3.43
C ASN B 78 -7.67 10.49 3.04
N VAL B 79 -8.94 10.12 2.92
CA VAL B 79 -10.02 11.09 2.74
C VAL B 79 -11.03 10.82 3.84
N ILE B 80 -11.54 11.89 4.44
CA ILE B 80 -12.39 11.77 5.62
C ILE B 80 -13.58 10.87 5.33
N ARG B 81 -13.91 10.01 6.29
CA ARG B 81 -15.00 9.06 6.11
C ARG B 81 -16.32 9.71 6.52
N TYR B 82 -17.29 9.63 5.62
CA TYR B 82 -18.62 10.22 5.84
C TYR B 82 -19.64 9.13 6.15
N PHE B 83 -20.44 9.34 7.18
CA PHE B 83 -21.38 8.32 7.66
C PHE B 83 -22.83 8.59 7.28
N CYS B 84 -23.37 9.70 7.76
CA CYS B 84 -24.80 9.97 7.57
C CYS B 84 -25.15 11.45 7.65
N THR B 85 -26.34 11.78 7.16
CA THR B 85 -26.90 13.13 7.26
C THR B 85 -28.36 13.05 7.68
N GLU B 86 -28.78 13.99 8.53
CA GLU B 86 -30.16 14.04 9.01
C GLU B 86 -30.72 15.44 8.92
N LYS B 87 -31.84 15.59 8.23
CA LYS B 87 -32.49 16.88 8.06
C LYS B 87 -33.33 17.21 9.29
N ASP B 88 -33.59 18.49 9.51
CA ASP B 88 -34.39 18.93 10.64
C ASP B 88 -34.84 20.38 10.41
N ARG B 89 -35.99 20.72 10.97
CA ARG B 89 -36.60 22.04 10.80
C ARG B 89 -35.69 23.17 11.26
N GLN B 90 -34.80 22.87 12.20
CA GLN B 90 -33.90 23.87 12.74
C GLN B 90 -32.65 24.03 11.89
N PHE B 91 -32.07 22.90 11.47
CA PHE B 91 -30.84 22.91 10.69
C PHE B 91 -30.46 21.51 10.24
N GLN B 92 -29.62 21.42 9.21
CA GLN B 92 -29.12 20.13 8.73
C GLN B 92 -27.94 19.67 9.55
N TYR B 93 -27.70 18.37 9.56
CA TYR B 93 -26.59 17.78 10.29
C TYR B 93 -25.78 16.85 9.40
N ILE B 94 -24.46 16.92 9.52
CA ILE B 94 -23.55 16.05 8.77
C ILE B 94 -22.57 15.39 9.73
N ALA B 95 -22.57 14.05 9.71
CA ALA B 95 -21.74 13.28 10.62
C ALA B 95 -20.55 12.65 9.91
N ILE B 96 -19.35 13.00 10.37
CA ILE B 96 -18.11 12.43 9.85
C ILE B 96 -17.32 11.74 10.96
N GLU B 97 -16.27 11.03 10.57
CA GLU B 97 -15.40 10.34 11.51
C GLU B 97 -14.83 11.31 12.53
N LEU B 98 -14.90 10.94 13.80
CA LEU B 98 -14.31 11.76 14.87
C LEU B 98 -12.80 11.58 14.90
N CYS B 99 -12.08 12.68 14.72
CA CYS B 99 -10.62 12.66 14.66
C CYS B 99 -10.02 13.26 15.92
N ALA B 100 -8.74 12.99 16.14
CA ALA B 100 -8.03 13.47 17.31
C ALA B 100 -7.78 14.97 17.23
N ALA B 101 -7.41 15.44 16.05
CA ALA B 101 -7.06 16.86 15.88
C ALA B 101 -6.95 17.24 14.41
N THR B 102 -7.03 18.54 14.14
CA THR B 102 -6.70 19.08 12.83
C THR B 102 -5.19 19.19 12.74
N LEU B 103 -4.66 19.29 11.53
CA LEU B 103 -3.22 19.38 11.34
C LEU B 103 -2.70 20.67 11.98
N GLN B 104 -3.55 21.70 12.00
CA GLN B 104 -3.17 22.95 12.63
C GLN B 104 -2.88 22.70 14.09
N GLU B 105 -3.88 22.21 14.82
CA GLU B 105 -3.77 21.92 16.23
C GLU B 105 -2.51 21.11 16.56
N TYR B 106 -2.17 20.16 15.70
CA TYR B 106 -0.98 19.33 15.91
C TYR B 106 0.29 20.18 15.88
N VAL B 107 0.42 21.03 14.88
CA VAL B 107 1.63 21.84 14.72
C VAL B 107 1.68 22.95 15.78
N GLU B 108 0.53 23.56 16.07
CA GLU B 108 0.47 24.65 17.05
C GLU B 108 0.92 24.18 18.43
N GLN B 109 0.04 23.50 19.15
CA GLN B 109 0.32 23.01 20.50
C GLN B 109 0.51 21.50 20.50
N ASP B 111 1.19 19.73 23.49
CA ASP B 111 0.13 18.75 23.71
C ASP B 111 0.15 17.68 22.63
N PHE B 112 -0.41 18.01 21.47
CA PHE B 112 -0.47 17.06 20.35
C PHE B 112 0.93 16.80 19.78
N ALA B 113 1.87 17.67 20.11
CA ALA B 113 3.24 17.51 19.63
C ALA B 113 3.90 16.29 20.25
N HIS B 114 3.39 15.12 19.89
CA HIS B 114 3.89 13.85 20.42
C HIS B 114 3.35 12.72 19.55
N LEU B 115 2.97 11.62 20.19
CA LEU B 115 2.34 10.49 19.49
C LEU B 115 3.28 9.84 18.48
N GLY B 116 4.54 10.28 18.45
CA GLY B 116 5.51 9.78 17.50
C GLY B 116 5.03 9.95 16.07
N LEU B 117 4.72 11.18 15.68
CA LEU B 117 4.20 11.46 14.35
C LEU B 117 5.31 11.71 13.33
N GLU B 118 5.27 10.97 12.24
CA GLU B 118 6.23 11.14 11.15
C GLU B 118 5.74 12.23 10.20
N PRO B 119 6.50 13.33 10.07
CA PRO B 119 6.04 14.44 9.22
C PRO B 119 5.92 14.05 7.75
N ILE B 120 6.87 13.29 7.24
CA ILE B 120 6.85 12.89 5.83
C ILE B 120 5.66 11.99 5.56
N THR B 121 5.33 11.13 6.53
CA THR B 121 4.21 10.19 6.38
C THR B 121 2.89 10.94 6.34
N LEU B 122 2.79 12.06 7.04
CA LEU B 122 1.56 12.86 7.02
C LEU B 122 1.39 13.53 5.66
N LEU B 123 2.49 14.07 5.14
CA LEU B 123 2.48 14.76 3.87
C LEU B 123 2.27 13.77 2.74
N GLN B 124 2.78 12.56 2.93
CA GLN B 124 2.58 11.49 1.96
C GLN B 124 1.11 11.11 1.93
N GLN B 125 0.53 10.98 3.11
CA GLN B 125 -0.86 10.59 3.25
C GLN B 125 -1.79 11.69 2.74
N THR B 126 -1.45 12.93 3.04
CA THR B 126 -2.24 14.08 2.59
C THR B 126 -2.25 14.13 1.07
N THR B 127 -1.07 13.99 0.47
CA THR B 127 -0.94 14.07 -0.97
C THR B 127 -1.66 12.90 -1.66
N SER B 128 -1.67 11.74 -1.01
CA SER B 128 -2.34 10.57 -1.57
C SER B 128 -3.85 10.81 -1.66
N GLY B 129 -4.40 11.41 -0.61
CA GLY B 129 -5.82 11.72 -0.58
C GLY B 129 -6.15 12.75 -1.64
N LEU B 130 -5.23 13.69 -1.84
CA LEU B 130 -5.43 14.75 -2.80
C LEU B 130 -5.42 14.20 -4.22
N ALA B 131 -4.47 13.32 -4.49
CA ALA B 131 -4.37 12.67 -5.80
C ALA B 131 -5.66 11.92 -6.11
N HIS B 132 -6.29 11.39 -5.07
CA HIS B 132 -7.53 10.66 -5.23
C HIS B 132 -8.66 11.60 -5.63
N LEU B 133 -8.74 12.74 -4.96
CA LEU B 133 -9.76 13.74 -5.28
C LEU B 133 -9.59 14.22 -6.72
N HIS B 134 -8.34 14.44 -7.12
CA HIS B 134 -8.05 14.92 -8.47
C HIS B 134 -8.43 13.90 -9.54
N SER B 135 -8.23 12.62 -9.23
CA SER B 135 -8.54 11.56 -10.18
C SER B 135 -10.06 11.43 -10.36
N LEU B 136 -10.81 11.98 -9.41
CA LEU B 136 -12.27 12.05 -9.51
C LEU B 136 -12.70 13.40 -10.07
N ASN B 137 -11.76 14.11 -10.70
CA ASN B 137 -12.03 15.41 -11.28
C ASN B 137 -12.55 16.42 -10.25
N ILE B 138 -12.05 16.30 -9.02
CA ILE B 138 -12.43 17.22 -7.95
C ILE B 138 -11.23 18.07 -7.54
N VAL B 139 -11.44 19.38 -7.51
CA VAL B 139 -10.46 20.31 -7.00
C VAL B 139 -10.85 20.69 -5.57
N HIS B 140 -9.88 20.72 -4.67
CA HIS B 140 -10.14 20.97 -3.27
C HIS B 140 -10.55 22.42 -3.04
N ARG B 141 -9.90 23.31 -3.80
CA ARG B 141 -10.22 24.74 -3.80
C ARG B 141 -9.85 25.45 -2.49
N ASP B 142 -9.47 24.71 -1.47
CA ASP B 142 -9.20 25.31 -0.17
C ASP B 142 -8.51 24.34 0.78
N LEU B 143 -7.33 23.86 0.40
CA LEU B 143 -6.58 22.94 1.25
C LEU B 143 -5.75 23.71 2.26
N LYS B 144 -5.93 23.41 3.54
CA LYS B 144 -5.16 24.04 4.61
C LYS B 144 -5.17 23.16 5.85
N PRO B 145 -4.24 23.40 6.79
CA PRO B 145 -4.10 22.57 7.98
C PRO B 145 -5.40 22.36 8.77
N HIS B 146 -6.30 23.33 8.73
CA HIS B 146 -7.57 23.17 9.42
C HIS B 146 -8.40 22.02 8.83
N ASN B 147 -8.31 21.84 7.52
CA ASN B 147 -9.06 20.79 6.83
C ASN B 147 -8.46 19.42 7.05
N ILE B 148 -7.13 19.36 7.05
CA ILE B 148 -6.43 18.09 7.19
C ILE B 148 -6.59 17.57 8.62
N LEU B 149 -7.39 16.53 8.77
CA LEU B 149 -7.71 15.98 10.08
C LEU B 149 -6.75 14.84 10.42
N ILE B 150 -6.45 14.69 11.71
CA ILE B 150 -5.55 13.65 12.19
C ILE B 150 -6.35 12.59 12.96
N SER B 151 -6.44 11.39 12.39
CA SER B 151 -7.28 10.34 12.90
C SER B 151 -6.92 9.90 14.32
N MET B 152 -7.87 9.29 15.01
CA MET B 152 -7.59 8.62 16.28
C MET B 152 -6.72 7.42 16.00
N PRO B 153 -5.88 7.03 16.96
CA PRO B 153 -5.03 5.85 16.75
C PRO B 153 -5.86 4.57 16.68
N ASN B 154 -5.60 3.74 15.68
CA ASN B 154 -6.31 2.47 15.55
C ASN B 154 -5.80 1.44 16.54
N ALA B 155 -6.23 0.19 16.37
CA ALA B 155 -5.84 -0.88 17.29
C ALA B 155 -4.35 -1.17 17.23
N HIS B 156 -3.68 -0.65 16.20
CA HIS B 156 -2.25 -0.86 16.04
C HIS B 156 -1.47 0.43 16.36
N GLY B 157 -2.17 1.41 16.93
CA GLY B 157 -1.54 2.64 17.36
C GLY B 157 -1.11 3.53 16.21
N LYS B 158 -1.56 3.21 15.01
CA LYS B 158 -1.26 4.02 13.83
C LYS B 158 -2.34 5.07 13.61
N ILE B 159 -1.91 6.31 13.36
CA ILE B 159 -2.81 7.39 12.98
C ILE B 159 -2.50 7.84 11.56
N LYS B 160 -3.40 8.59 10.95
CA LYS B 160 -3.21 9.05 9.59
C LYS B 160 -3.90 10.38 9.33
N ALA B 161 -3.49 11.03 8.24
CA ALA B 161 -4.09 12.29 7.82
C ALA B 161 -5.24 12.03 6.85
N MET B 162 -6.31 12.79 6.99
CA MET B 162 -7.47 12.68 6.11
C MET B 162 -7.93 14.06 5.66
N ILE B 163 -8.13 14.21 4.36
CA ILE B 163 -8.60 15.47 3.78
C ILE B 163 -10.09 15.66 4.06
N SER B 164 -10.49 16.92 4.18
CA SER B 164 -11.90 17.26 4.36
C SER B 164 -12.19 18.62 3.76
N ASP B 165 -13.47 19.00 3.78
CA ASP B 165 -13.89 20.34 3.36
C ASP B 165 -13.41 20.63 1.95
N PHE B 166 -13.52 19.64 1.07
CA PHE B 166 -13.00 19.74 -0.29
C PHE B 166 -14.10 19.97 -1.33
N GLY B 167 -13.83 20.88 -2.27
CA GLY B 167 -14.69 21.05 -3.43
C GLY B 167 -15.84 22.04 -3.27
N LEU B 168 -15.75 22.91 -2.28
CA LEU B 168 -16.80 23.91 -2.05
C LEU B 168 -16.40 25.28 -2.57
N CYS B 169 -17.38 26.17 -2.70
CA CYS B 169 -17.16 27.53 -3.17
C CYS B 169 -17.59 28.55 -2.13
N GLY B 187 -12.29 35.01 9.92
CA GLY B 187 -11.88 34.07 8.88
C GLY B 187 -11.04 34.76 7.82
N THR B 188 -9.82 34.27 7.62
CA THR B 188 -8.91 34.84 6.64
C THR B 188 -8.41 33.77 5.69
N GLU B 189 -7.43 34.14 4.85
CA GLU B 189 -6.90 33.24 3.84
C GLU B 189 -5.46 32.86 4.18
N GLY B 190 -4.58 32.80 3.17
CA GLY B 190 -3.18 32.53 3.39
C GLY B 190 -2.70 31.23 2.76
N TRP B 191 -3.65 30.37 2.41
CA TRP B 191 -3.33 29.08 1.79
C TRP B 191 -3.92 28.99 0.39
N ILE B 192 -4.27 30.15 -0.17
CA ILE B 192 -4.92 30.20 -1.47
C ILE B 192 -3.91 30.55 -2.56
N ALA B 193 -3.98 29.82 -3.67
CA ALA B 193 -3.09 30.07 -4.80
C ALA B 193 -3.38 31.43 -5.43
N PRO B 194 -2.34 32.13 -5.93
CA PRO B 194 -2.48 33.51 -6.40
C PRO B 194 -3.39 33.71 -7.62
N GLU B 195 -3.69 32.63 -8.35
CA GLU B 195 -4.52 32.76 -9.56
C GLU B 195 -6.00 32.85 -9.23
N MET B 196 -6.40 32.35 -8.07
CA MET B 196 -7.82 32.24 -7.71
C MET B 196 -8.40 33.56 -7.19
N LEU B 197 -7.55 34.57 -7.02
CA LEU B 197 -8.01 35.87 -6.55
C LEU B 197 -8.23 36.83 -7.71
N SER B 198 -7.55 36.56 -8.82
CA SER B 198 -7.64 37.40 -10.02
C SER B 198 -8.54 36.76 -11.06
N GLU B 203 -14.11 30.51 -14.28
CA GLU B 203 -14.29 30.85 -12.87
C GLU B 203 -13.82 29.73 -11.96
N ASN B 204 -13.86 28.50 -12.47
CA ASN B 204 -13.44 27.33 -11.69
C ASN B 204 -11.92 27.12 -11.80
N PRO B 205 -11.32 26.50 -10.78
CA PRO B 205 -9.86 26.33 -10.77
C PRO B 205 -9.38 25.00 -11.35
N THR B 206 -8.06 24.82 -11.38
CA THR B 206 -7.45 23.60 -11.89
C THR B 206 -6.73 22.87 -10.75
N TYR B 207 -6.42 21.60 -10.96
CA TYR B 207 -5.73 20.78 -9.97
C TYR B 207 -4.51 21.47 -9.37
N THR B 208 -3.82 22.28 -10.17
CA THR B 208 -2.58 22.93 -9.75
C THR B 208 -2.79 23.90 -8.59
N VAL B 209 -4.04 24.30 -8.37
CA VAL B 209 -4.37 25.17 -7.25
C VAL B 209 -4.05 24.47 -5.93
N ASP B 210 -4.50 23.23 -5.80
CA ASP B 210 -4.31 22.46 -4.58
C ASP B 210 -2.84 22.17 -4.33
N ILE B 211 -2.05 22.20 -5.39
CA ILE B 211 -0.62 21.91 -5.28
C ILE B 211 0.08 23.05 -4.56
N PHE B 212 -0.30 24.29 -4.87
CA PHE B 212 0.26 25.45 -4.20
C PHE B 212 -0.06 25.38 -2.72
N SER B 213 -1.31 25.06 -2.40
CA SER B 213 -1.74 24.92 -1.02
C SER B 213 -0.91 23.86 -0.31
N ALA B 214 -0.73 22.72 -0.98
CA ALA B 214 0.02 21.61 -0.41
C ALA B 214 1.46 22.03 -0.13
N GLY B 215 2.09 22.68 -1.12
CA GLY B 215 3.45 23.13 -0.99
C GLY B 215 3.67 23.95 0.27
N CYS B 216 2.69 24.77 0.62
CA CYS B 216 2.74 25.56 1.84
C CYS B 216 2.57 24.66 3.06
N VAL B 217 1.71 23.66 2.95
CA VAL B 217 1.49 22.72 4.05
C VAL B 217 2.75 21.91 4.31
N PHE B 218 3.45 21.53 3.25
CA PHE B 218 4.71 20.79 3.38
C PHE B 218 5.68 21.57 4.28
N TYR B 219 5.88 22.85 3.95
CA TYR B 219 6.76 23.71 4.73
C TYR B 219 6.25 23.84 6.16
N TYR B 220 4.94 23.99 6.30
CA TYR B 220 4.31 24.15 7.60
C TYR B 220 4.53 22.94 8.51
N VAL B 221 4.53 21.75 7.93
CA VAL B 221 4.76 20.53 8.70
C VAL B 221 6.24 20.36 9.05
N ILE B 222 7.11 20.63 8.09
CA ILE B 222 8.55 20.45 8.28
C ILE B 222 9.11 21.51 9.23
N SER B 223 8.70 22.76 9.04
CA SER B 223 9.20 23.85 9.87
C SER B 223 8.53 23.86 11.24
N GLU B 224 7.50 23.03 11.40
CA GLU B 224 6.76 22.96 12.65
C GLU B 224 6.16 24.31 13.02
N GLY B 225 5.56 24.98 12.04
CA GLY B 225 4.80 26.19 12.31
C GLY B 225 4.99 27.33 11.31
N SER B 226 6.14 27.37 10.66
CA SER B 226 6.43 28.46 9.72
C SER B 226 5.62 28.30 8.44
N HIS B 227 5.74 29.29 7.56
CA HIS B 227 4.95 29.34 6.33
C HIS B 227 5.75 30.10 5.29
N PRO B 228 5.85 29.55 4.05
CA PRO B 228 6.75 30.16 3.07
C PRO B 228 6.50 31.65 2.81
N PHE B 229 5.27 32.10 3.09
CA PHE B 229 4.85 33.47 2.79
C PHE B 229 4.62 34.31 4.06
N GLY B 230 5.15 33.88 5.19
CA GLY B 230 5.20 34.69 6.39
C GLY B 230 4.11 34.40 7.40
N LYS B 231 3.87 35.36 8.29
CA LYS B 231 2.93 35.19 9.40
C LYS B 231 1.50 35.08 8.91
N SER B 232 0.61 34.64 9.80
CA SER B 232 -0.77 34.31 9.47
C SER B 232 -1.48 35.31 8.56
N LEU B 233 -1.70 36.53 9.07
CA LEU B 233 -2.45 37.55 8.33
C LEU B 233 -1.61 38.20 7.24
N GLN B 234 -0.35 37.82 7.15
CA GLN B 234 0.60 38.40 6.20
C GLN B 234 0.70 37.57 4.93
N ARG B 235 0.32 36.30 5.05
CA ARG B 235 0.57 35.31 4.00
C ARG B 235 -0.04 35.67 2.66
N GLN B 236 -1.34 35.87 2.64
CA GLN B 236 -2.05 35.98 1.36
C GLN B 236 -1.59 37.20 0.56
N ALA B 237 -1.23 38.27 1.24
CA ALA B 237 -0.71 39.45 0.55
C ALA B 237 0.67 39.15 -0.04
N ASN B 238 1.49 38.42 0.71
CA ASN B 238 2.81 38.02 0.22
C ASN B 238 2.69 37.05 -0.96
N ILE B 239 1.59 36.33 -1.03
CA ILE B 239 1.37 35.37 -2.12
C ILE B 239 1.08 36.07 -3.43
N LEU B 240 0.32 37.17 -3.37
CA LEU B 240 0.04 37.96 -4.58
C LEU B 240 1.33 38.58 -5.09
N LEU B 241 2.21 38.94 -4.16
CA LEU B 241 3.56 39.37 -4.48
C LEU B 241 4.43 38.13 -4.65
N GLY B 242 5.73 38.32 -4.81
CA GLY B 242 6.66 37.21 -4.95
C GLY B 242 7.39 36.93 -3.65
N ALA B 243 6.79 37.33 -2.54
CA ALA B 243 7.46 37.29 -1.24
C ALA B 243 7.32 35.92 -0.57
N CYS B 244 8.20 35.00 -0.96
CA CYS B 244 8.25 33.69 -0.33
C CYS B 244 9.65 33.41 0.22
N SER B 245 9.74 32.58 1.26
CA SER B 245 11.02 32.27 1.89
C SER B 245 11.02 30.89 2.53
N LEU B 246 12.06 30.12 2.24
CA LEU B 246 12.21 28.77 2.78
C LEU B 246 13.51 28.64 3.58
N ASP B 247 13.87 29.71 4.29
CA ASP B 247 15.17 29.77 4.96
C ASP B 247 15.29 28.79 6.12
N CYS B 248 14.19 28.15 6.50
CA CYS B 248 14.23 27.11 7.51
C CYS B 248 14.90 25.86 6.92
N LEU B 249 14.87 25.75 5.60
CA LEU B 249 15.55 24.66 4.90
C LEU B 249 16.95 25.11 4.50
N HIS B 250 17.95 24.63 5.25
CA HIS B 250 19.33 24.99 4.98
C HIS B 250 19.87 24.13 3.84
N PRO B 251 20.88 24.63 3.12
CA PRO B 251 21.49 23.85 2.03
C PRO B 251 22.50 22.82 2.56
N GLU B 252 22.63 22.72 3.88
CA GLU B 252 23.58 21.80 4.49
C GLU B 252 22.96 20.44 4.75
N LYS B 253 21.75 20.43 5.30
CA LYS B 253 21.04 19.20 5.60
C LYS B 253 20.51 18.56 4.32
N HIS B 254 20.83 17.29 4.10
CA HIS B 254 20.46 16.59 2.88
C HIS B 254 18.94 16.49 2.72
N GLU B 255 18.22 16.41 3.83
CA GLU B 255 16.76 16.37 3.76
C GLU B 255 16.23 17.70 3.23
N ASP B 256 16.83 18.78 3.71
CA ASP B 256 16.37 20.12 3.37
C ASP B 256 16.62 20.44 1.90
N VAL B 257 17.67 19.85 1.33
CA VAL B 257 17.97 20.04 -0.09
C VAL B 257 16.88 19.37 -0.92
N ILE B 258 16.41 18.22 -0.47
CA ILE B 258 15.34 17.51 -1.17
C ILE B 258 14.01 18.23 -0.99
N ALA B 259 13.71 18.61 0.26
CA ALA B 259 12.46 19.29 0.56
C ALA B 259 12.36 20.59 -0.24
N ARG B 260 13.45 21.34 -0.25
CA ARG B 260 13.50 22.62 -0.98
C ARG B 260 13.23 22.41 -2.46
N GLU B 261 13.90 21.43 -3.06
CA GLU B 261 13.78 21.16 -4.49
C GLU B 261 12.33 20.90 -4.88
N LEU B 262 11.64 20.10 -4.07
CA LEU B 262 10.25 19.76 -4.33
C LEU B 262 9.32 20.95 -4.09
N ILE B 263 9.42 21.53 -2.90
CA ILE B 263 8.49 22.58 -2.48
C ILE B 263 8.55 23.78 -3.42
N GLU B 264 9.76 24.22 -3.77
CA GLU B 264 9.94 25.37 -4.65
C GLU B 264 9.14 25.21 -5.94
N LYS B 265 9.04 23.98 -6.44
CA LYS B 265 8.27 23.69 -7.63
C LYS B 265 6.77 23.74 -7.33
N MET B 266 6.40 23.26 -6.16
CA MET B 266 4.99 23.17 -5.78
C MET B 266 4.37 24.55 -5.55
N ILE B 267 5.17 25.50 -5.07
CA ILE B 267 4.69 26.85 -4.78
C ILE B 267 5.07 27.86 -5.87
N ALA B 268 5.37 27.36 -7.06
CA ALA B 268 5.73 28.23 -8.18
C ALA B 268 4.58 29.17 -8.52
N MET B 269 4.91 30.43 -8.79
CA MET B 269 3.92 31.44 -9.13
C MET B 269 3.24 31.11 -10.45
N ASP B 270 3.97 30.43 -11.33
CA ASP B 270 3.43 29.97 -12.60
C ASP B 270 2.82 28.58 -12.43
N PRO B 271 1.49 28.45 -12.60
CA PRO B 271 0.84 27.15 -12.36
C PRO B 271 1.36 26.03 -13.25
N GLN B 272 1.73 26.35 -14.48
CA GLN B 272 2.12 25.33 -15.45
C GLN B 272 3.42 24.62 -15.04
N LYS B 273 4.11 25.15 -14.04
CA LYS B 273 5.37 24.57 -13.58
C LYS B 273 5.21 23.73 -12.31
N ARG B 274 3.98 23.55 -11.84
CA ARG B 274 3.74 22.79 -10.61
C ARG B 274 3.48 21.32 -10.90
N PRO B 275 4.10 20.41 -10.11
CA PRO B 275 3.86 18.98 -10.34
C PRO B 275 2.43 18.57 -10.00
N SER B 276 1.96 17.49 -10.61
CA SER B 276 0.67 16.93 -10.25
C SER B 276 0.80 16.18 -8.92
N ALA B 277 -0.33 15.78 -8.36
CA ALA B 277 -0.32 15.08 -7.07
C ALA B 277 0.51 13.80 -7.16
N LYS B 278 0.21 12.99 -8.18
CA LYS B 278 0.91 11.73 -8.36
C LYS B 278 2.38 11.95 -8.69
N HIS B 279 2.70 13.11 -9.26
CA HIS B 279 4.08 13.47 -9.55
C HIS B 279 4.83 13.74 -8.25
N VAL B 280 4.19 14.48 -7.35
CA VAL B 280 4.76 14.79 -6.04
C VAL B 280 5.09 13.51 -5.29
N LEU B 281 4.22 12.52 -5.39
CA LEU B 281 4.38 11.26 -4.66
C LEU B 281 5.61 10.48 -5.11
N LYS B 282 6.03 10.73 -6.36
CA LYS B 282 7.19 10.04 -6.92
C LYS B 282 8.51 10.68 -6.51
N HIS B 283 8.44 11.88 -5.95
CA HIS B 283 9.64 12.67 -5.65
C HIS B 283 10.49 11.99 -4.58
N PRO B 284 11.83 12.20 -4.63
CA PRO B 284 12.73 11.64 -3.61
C PRO B 284 12.39 12.04 -2.17
N PHE B 285 11.58 13.08 -2.02
CA PHE B 285 11.17 13.56 -0.70
C PHE B 285 10.49 12.46 0.11
N PHE B 286 9.91 11.49 -0.58
CA PHE B 286 9.16 10.42 0.08
C PHE B 286 9.88 9.07 0.07
N TRP B 287 11.00 8.99 -0.64
CA TRP B 287 11.75 7.74 -0.73
C TRP B 287 12.28 7.30 0.62
N SER B 288 12.23 6.00 0.87
CA SER B 288 12.82 5.43 2.07
C SER B 288 14.33 5.39 1.94
N LEU B 289 15.03 5.16 3.04
CA LEU B 289 16.49 5.09 3.01
C LEU B 289 16.94 3.93 2.14
N GLU B 290 16.12 2.90 2.05
CA GLU B 290 16.41 1.75 1.20
C GLU B 290 16.28 2.11 -0.28
N LYS B 291 15.24 2.88 -0.60
CA LYS B 291 14.96 3.26 -1.98
C LYS B 291 15.97 4.30 -2.46
N GLN B 292 16.43 5.15 -1.55
CA GLN B 292 17.47 6.12 -1.87
C GLN B 292 18.75 5.40 -2.26
N LEU B 293 19.06 4.32 -1.56
CA LEU B 293 20.24 3.52 -1.85
C LEU B 293 20.04 2.74 -3.13
N GLN B 294 18.87 2.13 -3.28
CA GLN B 294 18.55 1.34 -4.46
C GLN B 294 18.60 2.20 -5.72
N PHE B 295 18.45 3.50 -5.55
CA PHE B 295 18.49 4.44 -6.66
C PHE B 295 19.91 4.63 -7.18
N PHE B 296 20.85 4.83 -6.27
CA PHE B 296 22.24 5.06 -6.63
C PHE B 296 22.85 3.85 -7.35
N GLN B 297 22.30 2.66 -7.09
CA GLN B 297 22.81 1.44 -7.71
C GLN B 297 22.33 1.30 -9.15
N ASP B 298 21.03 1.46 -9.36
CA ASP B 298 20.46 1.38 -10.70
C ASP B 298 21.04 2.47 -11.59
N VAL B 299 21.40 3.59 -10.98
CA VAL B 299 22.06 4.68 -11.69
C VAL B 299 23.51 4.28 -12.00
N SER B 300 24.21 3.79 -10.98
CA SER B 300 25.60 3.40 -11.13
C SER B 300 25.75 2.28 -12.15
N ASP B 301 24.84 1.32 -12.11
CA ASP B 301 24.86 0.21 -13.06
C ASP B 301 24.59 0.70 -14.48
N ARG B 302 23.73 1.70 -14.59
CA ARG B 302 23.36 2.23 -15.90
C ARG B 302 24.51 3.00 -16.55
N ILE B 303 25.35 3.63 -15.73
CA ILE B 303 26.47 4.41 -16.23
C ILE B 303 27.77 3.60 -16.23
N GLU B 304 27.67 2.32 -15.89
CA GLU B 304 28.83 1.46 -15.81
C GLU B 304 29.45 1.24 -17.19
N LYS B 305 28.61 0.89 -18.16
CA LYS B 305 29.06 0.64 -19.52
C LYS B 305 29.00 1.90 -20.38
N GLU B 306 28.77 3.03 -19.74
CA GLU B 306 28.65 4.31 -20.45
C GLU B 306 30.01 5.01 -20.56
N SER B 307 30.23 5.66 -21.70
CA SER B 307 31.45 6.43 -21.91
C SER B 307 31.40 7.73 -21.13
N LEU B 308 32.55 8.18 -20.65
CA LEU B 308 32.63 9.40 -19.86
C LEU B 308 32.48 10.64 -20.72
N ASP B 309 32.44 10.46 -22.04
CA ASP B 309 32.25 11.56 -22.98
C ASP B 309 30.81 11.63 -23.45
N GLY B 310 29.98 10.71 -22.98
CA GLY B 310 28.58 10.66 -23.38
C GLY B 310 27.76 11.77 -22.74
N PRO B 311 26.48 11.87 -23.14
CA PRO B 311 25.58 12.90 -22.63
C PRO B 311 24.99 12.57 -21.26
N ILE B 312 25.42 11.45 -20.68
CA ILE B 312 24.83 10.93 -19.45
C ILE B 312 25.80 11.01 -18.27
N VAL B 313 27.07 11.29 -18.54
CA VAL B 313 28.05 11.52 -17.48
C VAL B 313 28.35 13.01 -17.38
N LYS B 314 28.42 13.68 -18.53
CA LYS B 314 28.64 15.12 -18.56
C LYS B 314 27.55 15.83 -17.79
N GLN B 315 26.34 15.27 -17.86
CA GLN B 315 25.21 15.78 -17.10
C GLN B 315 25.42 15.49 -15.62
N LEU B 316 25.96 14.31 -15.32
CA LEU B 316 26.22 13.89 -13.95
C LEU B 316 27.36 14.69 -13.34
N GLU B 317 28.29 15.13 -14.19
CA GLU B 317 29.45 15.88 -13.72
C GLU B 317 29.22 17.39 -13.81
N ARG B 318 28.07 17.78 -14.36
CA ARG B 318 27.74 19.20 -14.50
C ARG B 318 27.59 19.86 -13.13
N GLY B 319 28.65 20.50 -12.68
CA GLY B 319 28.69 21.07 -11.34
C GLY B 319 29.00 19.99 -10.32
N GLY B 320 29.74 18.97 -10.76
CA GLY B 320 30.04 17.82 -9.93
C GLY B 320 31.00 18.12 -8.79
N ARG B 321 31.91 19.05 -9.03
CA ARG B 321 32.94 19.39 -8.05
C ARG B 321 32.33 19.83 -6.71
N ALA B 322 31.23 20.56 -6.78
CA ALA B 322 30.54 21.05 -5.59
C ALA B 322 29.81 19.91 -4.87
N VAL B 323 29.36 18.92 -5.64
CA VAL B 323 28.64 17.79 -5.08
C VAL B 323 29.57 16.88 -4.28
N VAL B 324 30.82 16.79 -4.74
CA VAL B 324 31.81 15.93 -4.11
C VAL B 324 32.67 16.67 -3.09
N LYS B 325 32.35 17.93 -2.85
CA LYS B 325 33.09 18.77 -1.91
C LYS B 325 34.56 18.87 -2.35
N MET B 326 34.76 19.38 -3.55
CA MET B 326 36.09 19.50 -4.15
C MET B 326 36.69 18.13 -4.43
N ASP B 327 36.98 17.39 -3.36
CA ASP B 327 37.48 16.02 -3.46
C ASP B 327 36.82 15.18 -2.38
N TRP B 328 35.97 14.24 -2.79
CA TRP B 328 35.17 13.48 -1.85
C TRP B 328 36.05 12.58 -0.99
N ARG B 329 37.21 12.20 -1.51
CA ARG B 329 38.12 11.30 -0.82
C ARG B 329 38.63 11.91 0.50
N GLU B 330 38.46 13.23 0.64
CA GLU B 330 38.88 13.94 1.85
C GLU B 330 37.75 14.02 2.87
N ASN B 331 36.51 14.05 2.40
CA ASN B 331 35.35 14.12 3.28
C ASN B 331 35.03 12.76 3.91
N ILE B 332 35.67 11.71 3.43
CA ILE B 332 35.47 10.36 3.94
C ILE B 332 36.19 10.18 5.28
N THR B 333 35.65 9.32 6.13
CA THR B 333 36.25 9.04 7.43
C THR B 333 37.57 8.30 7.29
N VAL B 334 38.38 8.32 8.36
CA VAL B 334 39.72 7.74 8.33
C VAL B 334 39.78 6.31 7.82
N PRO B 335 38.92 5.42 8.36
CA PRO B 335 38.96 4.01 7.95
C PRO B 335 38.69 3.77 6.47
N LEU B 336 37.59 4.34 5.96
CA LEU B 336 37.16 4.06 4.59
C LEU B 336 38.11 4.64 3.55
N GLN B 337 38.90 5.64 3.94
CA GLN B 337 39.87 6.25 3.03
C GLN B 337 40.89 5.23 2.54
N THR B 338 41.10 4.19 3.33
CA THR B 338 42.05 3.13 2.98
C THR B 338 41.63 2.43 1.69
N ASP B 339 40.38 1.99 1.62
CA ASP B 339 39.88 1.29 0.45
C ASP B 339 39.75 2.23 -0.74
N LYS B 347 39.35 8.77 -8.77
CA LYS B 347 39.21 10.18 -9.09
C LYS B 347 38.22 10.85 -8.15
N GLY B 348 38.74 11.44 -7.09
CA GLY B 348 37.90 12.02 -6.04
C GLY B 348 37.04 13.20 -6.46
N GLY B 349 37.17 13.63 -7.71
CA GLY B 349 36.42 14.76 -8.22
C GLY B 349 35.36 14.37 -9.23
N SER B 350 35.00 13.09 -9.27
CA SER B 350 34.02 12.58 -10.20
C SER B 350 32.84 11.91 -9.48
N VAL B 351 31.64 12.44 -9.69
CA VAL B 351 30.45 11.88 -9.08
C VAL B 351 30.23 10.45 -9.56
N ARG B 352 30.55 10.20 -10.82
CA ARG B 352 30.39 8.88 -11.41
C ARG B 352 31.17 7.84 -10.63
N ASP B 353 32.38 8.21 -10.22
CA ASP B 353 33.22 7.32 -9.44
C ASP B 353 32.69 7.17 -8.03
N LEU B 354 32.07 8.23 -7.52
CA LEU B 354 31.52 8.21 -6.17
C LEU B 354 30.35 7.22 -6.09
N LEU B 355 29.53 7.18 -7.13
CA LEU B 355 28.42 6.23 -7.19
C LEU B 355 28.97 4.81 -7.27
N ARG B 356 29.98 4.62 -8.10
CA ARG B 356 30.63 3.33 -8.24
C ARG B 356 31.28 2.93 -6.91
N ALA B 357 31.88 3.90 -6.25
CA ALA B 357 32.53 3.66 -4.96
C ALA B 357 31.51 3.18 -3.93
N MET B 358 30.34 3.79 -3.93
CA MET B 358 29.27 3.39 -3.03
C MET B 358 28.67 2.06 -3.47
N ARG B 359 28.65 1.82 -4.77
CA ARG B 359 28.09 0.59 -5.32
C ARG B 359 28.87 -0.64 -4.87
N ASN B 360 30.11 -0.74 -5.32
CA ASN B 360 30.93 -1.91 -5.00
C ASN B 360 31.19 -2.01 -3.50
N LYS B 361 31.10 -0.89 -2.80
CA LYS B 361 31.20 -0.89 -1.35
C LYS B 361 30.00 -1.63 -0.76
N LYS B 362 28.86 -1.51 -1.43
CA LYS B 362 27.64 -2.23 -1.03
C LYS B 362 27.67 -3.65 -1.57
N HIS B 363 27.98 -3.79 -2.85
CA HIS B 363 28.00 -5.10 -3.50
C HIS B 363 29.02 -6.03 -2.83
N HIS B 364 30.10 -5.45 -2.34
CA HIS B 364 31.14 -6.21 -1.65
C HIS B 364 31.23 -5.80 -0.19
N TYR B 365 30.07 -5.57 0.44
CA TYR B 365 30.03 -5.19 1.84
C TYR B 365 30.22 -6.39 2.74
N ARG B 366 29.57 -7.50 2.40
CA ARG B 366 29.62 -8.72 3.20
C ARG B 366 31.06 -9.18 3.42
N GLU B 367 31.91 -8.89 2.43
CA GLU B 367 33.33 -9.21 2.51
C GLU B 367 34.16 -7.95 2.69
N LEU B 368 34.10 -7.38 3.88
CA LEU B 368 34.85 -6.16 4.19
C LEU B 368 35.33 -6.16 5.64
N PRO B 369 36.28 -5.28 5.97
CA PRO B 369 36.82 -5.20 7.34
C PRO B 369 35.76 -4.84 8.38
N ALA B 370 35.94 -5.31 9.61
CA ALA B 370 35.01 -5.01 10.69
C ALA B 370 35.13 -3.54 11.09
N GLU B 371 36.33 -2.98 10.92
CA GLU B 371 36.57 -1.58 11.23
C GLU B 371 35.88 -0.68 10.22
N VAL B 372 35.97 -1.07 8.95
CA VAL B 372 35.34 -0.33 7.87
C VAL B 372 33.83 -0.48 7.95
N ARG B 373 33.37 -1.67 8.34
CA ARG B 373 31.94 -1.93 8.49
C ARG B 373 31.36 -1.07 9.60
N GLU B 374 32.21 -0.61 10.52
CA GLU B 374 31.78 0.25 11.61
C GLU B 374 31.66 1.70 11.13
N THR B 375 32.53 2.08 10.20
CA THR B 375 32.52 3.44 9.65
C THR B 375 31.33 3.65 8.72
N LEU B 376 31.16 2.75 7.76
CA LEU B 376 30.06 2.84 6.80
C LEU B 376 28.72 2.76 7.53
N GLY B 377 28.56 1.73 8.34
CA GLY B 377 27.33 1.53 9.11
C GLY B 377 26.51 0.36 8.59
N SER B 378 25.46 0.01 9.33
CA SER B 378 24.60 -1.11 8.97
C SER B 378 23.76 -0.81 7.73
N LEU B 379 23.70 -1.76 6.80
CA LEU B 379 22.91 -1.60 5.59
C LEU B 379 21.43 -1.85 5.87
N PRO B 380 20.53 -1.22 5.09
CA PRO B 380 20.80 -0.23 4.04
C PRO B 380 20.71 1.20 4.56
N ASP B 381 20.12 1.38 5.74
CA ASP B 381 19.82 2.70 6.27
C ASP B 381 21.07 3.50 6.59
N ASP B 382 21.86 3.03 7.56
CA ASP B 382 23.03 3.76 8.01
C ASP B 382 24.10 3.88 6.93
N PHE B 383 24.05 2.98 5.95
CA PHE B 383 25.07 2.96 4.90
C PHE B 383 24.88 4.09 3.89
N VAL B 384 23.62 4.36 3.53
CA VAL B 384 23.35 5.41 2.55
C VAL B 384 23.40 6.78 3.23
N CYS B 385 23.05 6.82 4.51
CA CYS B 385 23.10 8.06 5.28
C CYS B 385 24.54 8.46 5.54
N TYR B 386 25.45 7.52 5.39
CA TYR B 386 26.88 7.77 5.58
C TYR B 386 27.41 8.74 4.53
N PHE B 387 26.83 8.67 3.33
CA PHE B 387 27.31 9.46 2.20
C PHE B 387 26.46 10.71 1.99
N THR B 388 25.16 10.60 2.17
CA THR B 388 24.27 11.75 2.00
C THR B 388 24.53 12.80 3.07
N SER B 389 25.00 12.35 4.23
CA SER B 389 25.32 13.27 5.33
C SER B 389 26.51 14.15 4.98
N ARG B 390 27.41 13.61 4.17
CA ARG B 390 28.65 14.29 3.83
C ARG B 390 28.56 14.92 2.44
N PHE B 391 27.61 14.46 1.64
CA PHE B 391 27.36 15.00 0.31
C PHE B 391 25.87 15.29 0.16
N PRO B 392 25.39 16.37 0.82
CA PRO B 392 23.96 16.65 0.93
C PRO B 392 23.30 17.09 -0.37
N HIS B 393 24.08 17.19 -1.45
CA HIS B 393 23.55 17.57 -2.75
C HIS B 393 23.65 16.43 -3.76
N LEU B 394 24.14 15.28 -3.31
CA LEU B 394 24.32 14.13 -4.18
C LEU B 394 23.00 13.62 -4.73
N LEU B 395 22.07 13.29 -3.85
CA LEU B 395 20.78 12.73 -4.24
C LEU B 395 20.01 13.67 -5.16
N ALA B 396 19.85 14.91 -4.72
CA ALA B 396 19.14 15.92 -5.51
C ALA B 396 19.81 16.10 -6.87
N HIS B 397 21.13 16.05 -6.88
CA HIS B 397 21.89 16.20 -8.12
C HIS B 397 21.68 15.01 -9.04
N THR B 398 21.92 13.82 -8.49
CA THR B 398 21.87 12.59 -9.28
C THR B 398 20.46 12.34 -9.82
N TYR B 399 19.45 12.77 -9.08
CA TYR B 399 18.07 12.54 -9.48
C TYR B 399 17.69 13.34 -10.71
N ARG B 400 17.88 14.65 -10.65
CA ARG B 400 17.50 15.51 -11.77
C ARG B 400 18.45 15.31 -12.95
N ALA B 401 19.62 14.74 -12.68
CA ALA B 401 20.60 14.46 -13.72
C ALA B 401 20.20 13.23 -14.52
N MET B 402 19.75 12.20 -13.83
CA MET B 402 19.39 10.94 -14.46
C MET B 402 17.97 10.95 -15.01
N GLU B 403 17.39 12.14 -15.14
CA GLU B 403 16.01 12.28 -15.57
C GLU B 403 15.86 12.05 -17.08
N LEU B 404 16.97 11.78 -17.76
CA LEU B 404 16.93 11.47 -19.18
C LEU B 404 16.35 10.08 -19.41
N CYS B 405 16.60 9.19 -18.46
CA CYS B 405 16.15 7.80 -18.54
C CYS B 405 14.80 7.62 -17.84
N SER B 406 13.95 8.65 -17.90
CA SER B 406 12.67 8.64 -17.19
C SER B 406 11.62 7.79 -17.87
N HIS B 407 11.99 7.14 -18.97
CA HIS B 407 11.10 6.24 -19.70
C HIS B 407 11.63 4.81 -19.68
N GLU B 408 12.90 4.66 -19.36
CA GLU B 408 13.47 3.34 -19.15
C GLU B 408 12.81 2.71 -17.92
N ARG B 409 12.38 1.46 -18.06
CA ARG B 409 11.58 0.81 -17.03
C ARG B 409 12.33 0.65 -15.71
N LEU B 410 13.66 0.61 -15.78
CA LEU B 410 14.47 0.47 -14.57
C LEU B 410 14.42 1.73 -13.71
N PHE B 411 13.95 2.83 -14.30
CA PHE B 411 13.88 4.11 -13.62
C PHE B 411 12.45 4.65 -13.53
N GLN B 412 11.54 4.02 -14.26
CA GLN B 412 10.14 4.44 -14.25
C GLN B 412 9.54 4.45 -12.84
N PRO B 413 9.97 3.53 -11.96
CA PRO B 413 9.50 3.61 -10.57
C PRO B 413 9.97 4.85 -9.84
N TYR B 414 11.01 5.50 -10.35
CA TYR B 414 11.59 6.67 -9.69
C TYR B 414 11.07 7.99 -10.25
N TYR B 415 10.46 7.94 -11.43
CA TYR B 415 10.00 9.14 -12.12
C TYR B 415 8.55 9.04 -12.58
N PHE B 416 7.86 10.17 -12.52
CA PHE B 416 6.46 10.25 -12.95
C PHE B 416 6.38 10.44 -14.46
N HIS B 417 5.52 9.64 -15.10
CA HIS B 417 5.34 9.73 -16.55
C HIS B 417 3.96 9.24 -16.94
N GLU B 418 3.50 9.67 -18.12
CA GLU B 418 2.19 9.26 -18.62
C GLU B 418 2.25 7.86 -19.22
#